data_4WW3
#
_entry.id   4WW3
#
_cell.length_a   122.390
_cell.length_b   122.390
_cell.length_c   158.770
_cell.angle_alpha   90.00
_cell.angle_beta   90.00
_cell.angle_gamma   120.00
#
_symmetry.space_group_name_H-M   'P 62'
#
loop_
_entity.id
_entity.type
_entity.pdbx_description
1 polymer Rhodopsin
2 non-polymer RETINAL
3 non-polymer 'PALMITIC ACID'
4 non-polymer DOCOSANE
5 non-polymer 'octyl beta-D-glucopyranoside'
6 non-polymer 'SULFATE ION'
7 non-polymer 1,2-DIACYL-SN-GLYCERO-3-PHOSPHOCHOLINE
8 water water
#
_entity_poly.entity_id   1
_entity_poly.type   'polypeptide(L)'
_entity_poly.pdbx_seq_one_letter_code
;ETWWYNPSIVVHPHWREFDQVPDAVYYSLGIFIGICGIIGCGGNGIVIYLFTKTKSLQTPANMFIINLAFSDFTFSLVNG
FPLMTISCFLKKWIFGFAACKVYGFIGGIFGFMSIMTMAMISIDRYNVIGRPMAASKKMSHRRAFIMIIFVWLWSVLWAI
GPIFGWGAYTLEGVLCNCSFDYISRDSTTRSNILCMFILGFFGPILIIFFCYFNIVMSVSNHEKEMAAMAKRLNAKELRK
AQAGANAEMRLAKISIVIVSQFLLSWSPYAVVALLAQFGPLEWVTPYAAQLPVMFAKASAIHNPMIYSVSHPKFREAISQ
TFPWVLTCCQFDDKETEDDKDAETEIPAGE
;
_entity_poly.pdbx_strand_id   A,B
#
# COMPACT_ATOMS: atom_id res chain seq x y z
N GLU A 1 7.70 -4.73 10.82
CA GLU A 1 6.27 -5.14 10.65
C GLU A 1 5.97 -5.44 9.16
N THR A 2 6.99 -5.21 8.31
CA THR A 2 6.93 -5.44 6.85
C THR A 2 8.26 -6.03 6.31
N TRP A 3 8.25 -6.46 5.05
CA TRP A 3 9.42 -7.05 4.35
C TRP A 3 9.98 -6.16 3.24
N TRP A 4 9.26 -5.11 2.87
CA TRP A 4 9.70 -4.21 1.82
C TRP A 4 10.29 -2.94 2.39
N TYR A 5 10.44 -2.91 3.71
CA TYR A 5 10.96 -1.72 4.37
C TYR A 5 12.36 -1.27 3.97
N ASN A 6 12.44 -0.10 3.33
CA ASN A 6 13.75 0.43 2.98
C ASN A 6 13.89 1.76 3.68
N PRO A 7 14.85 1.87 4.61
CA PRO A 7 15.08 3.11 5.35
C PRO A 7 15.69 4.23 4.51
N SER A 8 16.05 3.96 3.27
CA SER A 8 16.64 4.97 2.41
C SER A 8 15.69 5.56 1.36
N ILE A 9 14.85 4.69 0.78
CA ILE A 9 13.86 5.06 -0.23
C ILE A 9 12.42 4.72 0.22
N VAL A 10 11.50 5.63 -0.04
CA VAL A 10 10.07 5.44 0.30
C VAL A 10 9.45 4.61 -0.84
N VAL A 11 9.23 3.33 -0.57
CA VAL A 11 8.63 2.36 -1.51
C VAL A 11 7.20 2.77 -1.84
N HIS A 12 6.85 2.90 -3.12
CA HIS A 12 5.48 3.28 -3.49
C HIS A 12 4.55 2.21 -2.90
N PRO A 13 3.44 2.63 -2.27
CA PRO A 13 2.45 1.74 -1.63
C PRO A 13 2.14 0.50 -2.46
N HIS A 14 2.04 0.69 -3.77
CA HIS A 14 1.74 -0.37 -4.72
C HIS A 14 2.60 -1.60 -4.59
N TRP A 15 3.90 -1.42 -4.35
CA TRP A 15 4.81 -2.56 -4.23
C TRP A 15 4.76 -3.19 -2.85
N ARG A 16 4.15 -2.48 -1.91
CA ARG A 16 4.07 -2.91 -0.52
C ARG A 16 2.95 -3.90 -0.21
N GLU A 17 1.85 -3.85 -0.96
CA GLU A 17 0.75 -4.78 -0.69
C GLU A 17 1.12 -6.25 -0.99
N PHE A 18 1.85 -6.47 -2.08
CA PHE A 18 2.25 -7.82 -2.49
C PHE A 18 3.07 -8.56 -1.46
N ASP A 19 3.20 -9.87 -1.64
CA ASP A 19 4.00 -10.68 -0.72
C ASP A 19 5.40 -10.81 -1.28
N GLN A 20 6.38 -10.99 -0.41
CA GLN A 20 7.78 -11.11 -0.84
C GLN A 20 8.01 -12.31 -1.74
N VAL A 21 8.55 -12.09 -2.93
CA VAL A 21 8.82 -13.21 -3.82
C VAL A 21 9.79 -14.12 -3.10
N PRO A 22 9.76 -15.42 -3.44
CA PRO A 22 10.62 -16.46 -2.86
C PRO A 22 12.12 -16.21 -2.96
N ASP A 23 12.83 -16.62 -1.91
CA ASP A 23 14.29 -16.49 -1.83
C ASP A 23 14.96 -16.86 -3.14
N ALA A 24 14.55 -17.98 -3.70
CA ALA A 24 15.12 -18.46 -4.94
C ALA A 24 15.05 -17.40 -6.02
N VAL A 25 13.95 -16.65 -6.03
CA VAL A 25 13.79 -15.62 -7.03
C VAL A 25 14.89 -14.58 -6.88
N TYR A 26 15.06 -14.06 -5.66
CA TYR A 26 16.10 -13.07 -5.37
C TYR A 26 17.48 -13.57 -5.81
N TYR A 27 17.84 -14.77 -5.35
CA TYR A 27 19.13 -15.39 -5.67
C TYR A 27 19.32 -15.52 -7.16
N SER A 28 18.27 -15.97 -7.86
CA SER A 28 18.35 -16.12 -9.31
C SER A 28 18.53 -14.73 -9.93
N LEU A 29 17.65 -13.80 -9.59
CA LEU A 29 17.75 -12.45 -10.13
C LEU A 29 19.19 -11.97 -10.06
N GLY A 30 19.74 -11.87 -8.84
CA GLY A 30 21.12 -11.43 -8.64
C GLY A 30 22.09 -12.14 -9.56
N ILE A 31 22.08 -13.47 -9.49
CA ILE A 31 22.94 -14.31 -10.33
C ILE A 31 22.71 -13.95 -11.80
N PHE A 32 21.44 -13.80 -12.17
CA PHE A 32 21.09 -13.47 -13.54
C PHE A 32 21.72 -12.15 -14.00
N ILE A 33 21.44 -11.06 -13.28
CA ILE A 33 21.99 -9.75 -13.66
C ILE A 33 23.51 -9.73 -13.48
N GLY A 34 24.01 -10.47 -12.50
CA GLY A 34 25.45 -10.55 -12.30
C GLY A 34 26.14 -11.06 -13.55
N ILE A 35 25.46 -11.93 -14.30
CA ILE A 35 26.02 -12.48 -15.53
C ILE A 35 25.83 -11.47 -16.66
N CYS A 36 24.84 -10.59 -16.52
CA CYS A 36 24.64 -9.59 -17.55
C CYS A 36 25.85 -8.68 -17.45
N GLY A 37 26.26 -8.40 -16.22
CA GLY A 37 27.41 -7.54 -15.97
C GLY A 37 28.70 -8.09 -16.57
N ILE A 38 28.96 -9.38 -16.34
CA ILE A 38 30.17 -10.02 -16.85
C ILE A 38 30.17 -9.99 -18.37
N ILE A 39 29.21 -10.71 -18.98
CA ILE A 39 29.08 -10.79 -20.43
C ILE A 39 28.93 -9.40 -21.04
N GLY A 40 28.18 -8.53 -20.36
CA GLY A 40 27.96 -7.18 -20.85
C GLY A 40 29.23 -6.35 -20.93
N CYS A 41 29.98 -6.33 -19.82
CA CYS A 41 31.21 -5.56 -19.74
C CYS A 41 32.32 -6.24 -20.53
N GLY A 42 32.36 -7.56 -20.47
CA GLY A 42 33.38 -8.29 -21.19
C GLY A 42 33.22 -8.04 -22.68
N GLY A 43 32.05 -8.43 -23.19
CA GLY A 43 31.74 -8.27 -24.61
C GLY A 43 31.88 -6.87 -25.16
N ASN A 44 31.52 -5.87 -24.37
CA ASN A 44 31.65 -4.49 -24.83
C ASN A 44 33.07 -3.95 -24.72
N GLY A 45 33.83 -4.53 -23.79
CA GLY A 45 35.21 -4.11 -23.62
C GLY A 45 35.94 -4.62 -24.83
N ILE A 46 35.60 -5.86 -25.20
CA ILE A 46 36.20 -6.54 -26.34
C ILE A 46 35.97 -5.80 -27.66
N VAL A 47 34.81 -5.16 -27.79
CA VAL A 47 34.45 -4.42 -29.01
C VAL A 47 35.10 -3.03 -29.04
N ILE A 48 35.20 -2.41 -27.87
CA ILE A 48 35.85 -1.11 -27.74
C ILE A 48 37.36 -1.31 -27.97
N TYR A 49 37.91 -2.32 -27.31
CA TYR A 49 39.33 -2.63 -27.43
C TYR A 49 39.69 -2.85 -28.89
N LEU A 50 39.06 -3.84 -29.52
CA LEU A 50 39.34 -4.15 -30.92
C LEU A 50 39.01 -3.01 -31.89
N PHE A 51 37.83 -2.40 -31.76
CA PHE A 51 37.47 -1.33 -32.67
C PHE A 51 38.36 -0.09 -32.61
N THR A 52 39.02 0.13 -31.48
CA THR A 52 39.90 1.29 -31.37
C THR A 52 41.34 0.92 -31.76
N LYS A 53 41.72 -0.33 -31.56
CA LYS A 53 43.08 -0.73 -31.89
C LYS A 53 43.28 -1.25 -33.30
N THR A 54 42.27 -1.93 -33.85
CA THR A 54 42.39 -2.47 -35.21
C THR A 54 42.28 -1.40 -36.28
N LYS A 55 43.30 -1.28 -37.12
CA LYS A 55 43.23 -0.24 -38.16
C LYS A 55 42.21 -0.54 -39.25
N SER A 56 41.87 -1.82 -39.40
CA SER A 56 40.91 -2.24 -40.41
C SER A 56 39.52 -1.75 -40.04
N LEU A 57 39.27 -1.55 -38.76
CA LEU A 57 37.97 -1.08 -38.29
C LEU A 57 37.99 0.42 -37.96
N GLN A 58 39.09 1.08 -38.27
CA GLN A 58 39.31 2.52 -37.99
C GLN A 58 38.52 3.59 -38.78
N THR A 59 37.32 3.27 -39.25
CA THR A 59 36.52 4.24 -40.03
C THR A 59 35.51 5.08 -39.21
N PRO A 60 35.41 6.39 -39.51
CA PRO A 60 34.53 7.38 -38.85
C PRO A 60 33.23 6.83 -38.30
N ALA A 61 32.50 6.10 -39.14
CA ALA A 61 31.24 5.52 -38.73
C ALA A 61 31.42 4.64 -37.50
N ASN A 62 32.36 3.68 -37.57
CA ASN A 62 32.64 2.78 -36.45
C ASN A 62 32.70 3.46 -35.08
N MET A 63 32.96 4.77 -35.08
CA MET A 63 33.01 5.56 -33.85
C MET A 63 31.66 5.39 -33.16
N PHE A 64 30.60 5.34 -33.95
CA PHE A 64 29.26 5.18 -33.40
C PHE A 64 29.19 3.87 -32.66
N ILE A 65 29.73 2.82 -33.27
CA ILE A 65 29.75 1.50 -32.65
C ILE A 65 30.52 1.55 -31.33
N ILE A 66 31.63 2.30 -31.35
CA ILE A 66 32.40 2.44 -30.15
C ILE A 66 31.48 3.06 -29.11
N ASN A 67 30.81 4.14 -29.50
CA ASN A 67 29.90 4.85 -28.60
C ASN A 67 28.80 3.95 -28.07
N LEU A 68 28.31 3.04 -28.91
CA LEU A 68 27.23 2.13 -28.51
C LEU A 68 27.76 1.12 -27.48
N ALA A 69 29.02 0.73 -27.67
CA ALA A 69 29.65 -0.23 -26.77
C ALA A 69 29.95 0.40 -25.43
N PHE A 70 30.42 1.66 -25.43
CA PHE A 70 30.72 2.33 -24.19
C PHE A 70 29.43 2.53 -23.40
N SER A 71 28.35 2.69 -24.14
CA SER A 71 27.04 2.88 -23.57
C SER A 71 26.61 1.59 -22.88
N ASP A 72 26.66 0.48 -23.62
CA ASP A 72 26.25 -0.80 -23.06
C ASP A 72 27.15 -1.33 -21.97
N PHE A 73 28.44 -1.03 -22.10
CA PHE A 73 29.38 -1.48 -21.09
C PHE A 73 28.93 -0.90 -19.76
N THR A 74 28.78 0.43 -19.75
CA THR A 74 28.37 1.19 -18.57
C THR A 74 27.04 0.72 -18.01
N PHE A 75 26.09 0.47 -18.89
CA PHE A 75 24.78 -0.01 -18.49
C PHE A 75 24.93 -1.31 -17.71
N SER A 76 25.59 -2.28 -18.34
CA SER A 76 25.83 -3.59 -17.71
C SER A 76 26.59 -3.43 -16.39
N LEU A 77 27.55 -2.52 -16.37
CA LEU A 77 28.33 -2.28 -15.17
C LEU A 77 27.48 -1.78 -14.02
N VAL A 78 26.96 -0.57 -14.17
CA VAL A 78 26.15 0.04 -13.11
C VAL A 78 24.89 -0.75 -12.78
N ASN A 79 24.25 -1.31 -13.78
CA ASN A 79 23.00 -2.01 -13.56
C ASN A 79 23.03 -3.43 -13.06
N GLY A 80 24.19 -4.09 -13.17
CA GLY A 80 24.32 -5.45 -12.71
C GLY A 80 24.96 -5.54 -11.33
N PHE A 81 26.25 -5.85 -11.34
CA PHE A 81 27.02 -5.95 -10.09
C PHE A 81 27.75 -4.62 -9.85
N PRO A 82 27.82 -4.14 -8.59
CA PRO A 82 27.24 -4.68 -7.35
C PRO A 82 25.87 -4.16 -6.96
N LEU A 83 25.54 -2.94 -7.38
CA LEU A 83 24.26 -2.34 -7.03
C LEU A 83 23.08 -3.33 -6.93
N MET A 84 22.68 -3.94 -8.05
CA MET A 84 21.54 -4.87 -8.01
C MET A 84 21.85 -6.26 -7.45
N THR A 85 22.82 -6.96 -8.03
CA THR A 85 23.19 -8.29 -7.57
C THR A 85 23.25 -8.42 -6.05
N ILE A 86 24.04 -7.54 -5.42
CA ILE A 86 24.21 -7.52 -3.96
C ILE A 86 22.85 -7.24 -3.30
N SER A 87 22.09 -6.31 -3.85
CA SER A 87 20.78 -6.01 -3.30
C SER A 87 20.01 -7.32 -3.25
N CYS A 88 19.90 -7.97 -4.39
CA CYS A 88 19.18 -9.23 -4.46
C CYS A 88 19.61 -10.21 -3.39
N PHE A 89 20.90 -10.55 -3.34
CA PHE A 89 21.40 -11.50 -2.35
C PHE A 89 21.09 -11.13 -0.90
N LEU A 90 20.60 -9.91 -0.67
CA LEU A 90 20.24 -9.48 0.68
C LEU A 90 18.75 -9.22 0.73
N LYS A 91 18.10 -9.29 -0.44
CA LYS A 91 16.66 -9.08 -0.55
C LYS A 91 16.32 -7.66 -0.08
N LYS A 92 17.20 -6.73 -0.39
CA LYS A 92 17.00 -5.34 0.02
C LYS A 92 17.97 -4.43 -0.71
N TRP A 93 17.52 -3.22 -1.06
CA TRP A 93 18.42 -2.25 -1.68
C TRP A 93 19.09 -1.58 -0.50
N ILE A 94 20.40 -1.75 -0.39
CA ILE A 94 21.15 -1.20 0.72
C ILE A 94 22.08 -0.04 0.41
N PHE A 95 22.07 0.43 -0.84
CA PHE A 95 22.97 1.51 -1.23
C PHE A 95 22.41 2.92 -1.16
N GLY A 96 21.26 3.06 -0.53
CA GLY A 96 20.66 4.38 -0.36
C GLY A 96 19.96 5.06 -1.53
N PHE A 97 19.28 6.17 -1.20
CA PHE A 97 18.55 6.92 -2.21
C PHE A 97 19.42 7.47 -3.35
N ALA A 98 20.54 8.11 -3.01
CA ALA A 98 21.40 8.66 -4.05
C ALA A 98 21.89 7.59 -5.01
N ALA A 99 22.26 6.43 -4.48
CA ALA A 99 22.73 5.33 -5.35
C ALA A 99 21.59 4.95 -6.28
N CYS A 100 20.38 4.91 -5.72
CA CYS A 100 19.19 4.57 -6.48
C CYS A 100 19.02 5.54 -7.63
N LYS A 101 19.01 6.84 -7.33
CA LYS A 101 18.88 7.82 -8.39
C LYS A 101 19.96 7.62 -9.44
N VAL A 102 21.22 7.53 -9.00
CA VAL A 102 22.31 7.34 -9.94
C VAL A 102 22.07 6.11 -10.78
N TYR A 103 21.61 5.07 -10.12
CA TYR A 103 21.32 3.79 -10.75
C TYR A 103 20.28 3.95 -11.86
N GLY A 104 19.13 4.51 -11.50
CA GLY A 104 18.05 4.72 -12.46
C GLY A 104 18.41 5.72 -13.54
N PHE A 105 19.18 6.75 -13.17
CA PHE A 105 19.60 7.81 -14.09
C PHE A 105 20.57 7.31 -15.14
N ILE A 106 21.44 6.39 -14.73
CA ILE A 106 22.42 5.81 -15.64
C ILE A 106 21.66 4.85 -16.53
N GLY A 107 20.74 4.12 -15.92
CA GLY A 107 19.93 3.15 -16.64
C GLY A 107 19.22 3.73 -17.84
N GLY A 108 18.55 4.85 -17.64
CA GLY A 108 17.82 5.49 -18.72
C GLY A 108 18.71 6.22 -19.72
N ILE A 109 19.70 6.93 -19.22
CA ILE A 109 20.63 7.71 -20.05
C ILE A 109 21.30 6.87 -21.15
N PHE A 110 21.74 5.67 -20.81
CA PHE A 110 22.39 4.81 -21.80
C PHE A 110 21.41 3.98 -22.59
N GLY A 111 20.23 3.75 -22.02
CA GLY A 111 19.20 3.03 -22.74
C GLY A 111 18.90 3.92 -23.94
N PHE A 112 18.59 5.18 -23.66
CA PHE A 112 18.28 6.16 -24.72
C PHE A 112 19.48 6.30 -25.64
N MET A 113 20.65 6.28 -25.04
CA MET A 113 21.88 6.46 -25.79
C MET A 113 22.14 5.37 -26.81
N SER A 114 21.83 4.13 -26.46
CA SER A 114 22.08 3.06 -27.40
C SER A 114 21.16 3.12 -28.62
N ILE A 115 19.90 3.50 -28.45
CA ILE A 115 19.00 3.59 -29.62
C ILE A 115 19.36 4.80 -30.45
N MET A 116 19.58 5.94 -29.79
CA MET A 116 19.94 7.16 -30.50
C MET A 116 21.30 7.01 -31.20
N THR A 117 22.12 6.10 -30.68
CA THR A 117 23.43 5.84 -31.28
C THR A 117 23.14 4.97 -32.49
N MET A 118 22.18 4.06 -32.33
CA MET A 118 21.78 3.18 -33.42
C MET A 118 21.15 4.04 -34.51
N ALA A 119 20.49 5.12 -34.07
CA ALA A 119 19.89 6.07 -34.99
C ALA A 119 20.99 6.56 -35.92
N MET A 120 22.05 7.10 -35.33
CA MET A 120 23.21 7.61 -36.06
C MET A 120 23.80 6.59 -37.04
N ILE A 121 23.76 5.33 -36.63
CA ILE A 121 24.26 4.24 -37.44
C ILE A 121 23.30 4.02 -38.61
N SER A 122 22.01 4.26 -38.35
CA SER A 122 20.98 4.12 -39.37
C SER A 122 21.11 5.23 -40.39
N ILE A 123 21.54 6.40 -39.92
CA ILE A 123 21.73 7.57 -40.77
C ILE A 123 22.99 7.37 -41.62
N ASP A 124 24.01 6.76 -41.04
CA ASP A 124 25.22 6.51 -41.80
C ASP A 124 24.86 5.54 -42.92
N ARG A 125 24.19 4.45 -42.56
CA ARG A 125 23.78 3.44 -43.54
C ARG A 125 23.03 4.08 -44.70
N TYR A 126 22.20 5.07 -44.38
CA TYR A 126 21.41 5.77 -45.39
C TYR A 126 22.30 6.56 -46.35
N ASN A 127 23.39 7.12 -45.85
CA ASN A 127 24.28 7.89 -46.72
C ASN A 127 24.99 6.99 -47.71
N VAL A 128 25.58 5.92 -47.22
CA VAL A 128 26.32 5.01 -48.09
C VAL A 128 25.48 3.93 -48.79
N ILE A 129 24.23 3.76 -48.37
CA ILE A 129 23.35 2.74 -48.98
C ILE A 129 22.00 3.30 -49.46
N GLY A 130 21.34 4.09 -48.60
CA GLY A 130 20.05 4.66 -48.95
C GLY A 130 20.00 5.60 -50.14
N ARG A 131 21.06 6.39 -50.32
CA ARG A 131 21.12 7.33 -51.44
C ARG A 131 21.68 6.57 -52.64
N PRO A 132 21.77 7.20 -53.82
CA PRO A 132 22.32 6.45 -54.95
C PRO A 132 23.86 6.34 -54.88
N MET A 133 24.46 5.52 -55.75
CA MET A 133 25.91 5.36 -55.78
C MET A 133 26.56 6.68 -56.20
N ALA A 134 25.86 7.43 -57.06
CA ALA A 134 26.36 8.70 -57.57
C ALA A 134 26.53 9.77 -56.48
N ALA A 135 25.70 9.70 -55.44
CA ALA A 135 25.75 10.68 -54.36
C ALA A 135 26.07 10.08 -52.99
N SER A 136 26.50 8.82 -52.98
CA SER A 136 26.85 8.13 -51.75
C SER A 136 27.80 8.95 -50.90
N LYS A 137 27.47 9.08 -49.61
CA LYS A 137 28.26 9.84 -48.64
C LYS A 137 28.88 8.93 -47.58
N LYS A 138 30.16 9.11 -47.31
CA LYS A 138 30.85 8.32 -46.29
C LYS A 138 31.00 9.20 -45.04
N MET A 139 30.83 8.61 -43.86
CA MET A 139 30.93 9.37 -42.61
C MET A 139 32.32 9.96 -42.35
N SER A 140 32.35 11.23 -41.98
CA SER A 140 33.61 11.90 -41.68
C SER A 140 33.71 12.11 -40.17
N HIS A 141 34.91 11.96 -39.63
CA HIS A 141 35.16 12.13 -38.20
C HIS A 141 34.43 13.36 -37.67
N ARG A 142 34.49 14.47 -38.41
CA ARG A 142 33.83 15.69 -38.00
C ARG A 142 32.33 15.47 -37.84
N ARG A 143 31.70 14.92 -38.88
CA ARG A 143 30.27 14.63 -38.86
C ARG A 143 29.97 13.71 -37.70
N ALA A 144 30.61 12.54 -37.73
CA ALA A 144 30.44 11.54 -36.69
C ALA A 144 30.56 12.14 -35.30
N PHE A 145 31.67 12.81 -35.03
CA PHE A 145 31.89 13.41 -33.72
C PHE A 145 30.76 14.33 -33.26
N ILE A 146 30.34 15.23 -34.12
CA ILE A 146 29.26 16.13 -33.75
C ILE A 146 28.02 15.29 -33.45
N MET A 147 27.78 14.28 -34.29
CA MET A 147 26.64 13.39 -34.12
C MET A 147 26.61 12.76 -32.73
N ILE A 148 27.74 12.25 -32.24
CA ILE A 148 27.75 11.64 -30.90
C ILE A 148 27.60 12.70 -29.81
N ILE A 149 27.84 13.97 -30.15
CA ILE A 149 27.66 15.03 -29.17
C ILE A 149 26.16 15.23 -29.04
N PHE A 150 25.44 15.04 -30.14
CA PHE A 150 23.98 15.16 -30.12
C PHE A 150 23.45 14.02 -29.26
N VAL A 151 23.99 12.83 -29.50
CA VAL A 151 23.61 11.63 -28.77
C VAL A 151 23.77 11.78 -27.24
N TRP A 152 24.87 12.39 -26.82
CA TRP A 152 25.12 12.59 -25.41
C TRP A 152 24.23 13.72 -24.87
N LEU A 153 24.13 14.82 -25.61
CA LEU A 153 23.29 15.92 -25.18
C LEU A 153 21.90 15.37 -24.98
N TRP A 154 21.36 14.80 -26.06
CA TRP A 154 20.03 14.21 -26.06
C TRP A 154 19.81 13.27 -24.87
N SER A 155 20.42 12.08 -24.92
CA SER A 155 20.28 11.07 -23.86
C SER A 155 20.19 11.64 -22.44
N VAL A 156 21.12 12.52 -22.10
CA VAL A 156 21.15 13.12 -20.77
C VAL A 156 19.88 13.94 -20.49
N LEU A 157 19.45 14.68 -21.51
CA LEU A 157 18.24 15.50 -21.40
C LEU A 157 16.97 14.74 -21.04
N TRP A 158 16.75 13.61 -21.72
CA TRP A 158 15.56 12.83 -21.47
C TRP A 158 15.64 11.85 -20.32
N ALA A 159 16.77 11.81 -19.65
CA ALA A 159 16.91 10.90 -18.53
C ALA A 159 17.15 11.66 -17.21
N ILE A 160 17.55 12.92 -17.34
CA ILE A 160 17.84 13.73 -16.16
C ILE A 160 16.64 14.33 -15.47
N GLY A 161 15.51 14.37 -16.15
CA GLY A 161 14.31 14.93 -15.56
C GLY A 161 14.09 14.58 -14.10
N PRO A 162 13.86 13.28 -13.79
CA PRO A 162 13.64 12.84 -12.42
C PRO A 162 14.69 13.34 -11.43
N ILE A 163 15.90 13.58 -11.93
CA ILE A 163 16.97 14.08 -11.06
C ILE A 163 16.60 15.47 -10.53
N PHE A 164 15.73 16.15 -11.27
CA PHE A 164 15.32 17.48 -10.89
C PHE A 164 13.85 17.63 -10.51
N GLY A 165 13.20 16.52 -10.16
CA GLY A 165 11.81 16.57 -9.75
C GLY A 165 10.81 16.27 -10.85
N TRP A 166 11.22 16.49 -12.09
CA TRP A 166 10.34 16.23 -13.21
C TRP A 166 10.37 14.72 -13.46
N GLY A 167 9.69 13.99 -12.58
CA GLY A 167 9.69 12.55 -12.68
C GLY A 167 10.49 12.07 -11.49
N ALA A 168 10.75 10.77 -11.39
CA ALA A 168 11.49 10.30 -10.24
C ALA A 168 11.98 8.89 -10.42
N TYR A 169 13.22 8.66 -10.02
CA TYR A 169 13.81 7.34 -10.07
C TYR A 169 13.58 6.80 -8.66
N THR A 170 13.25 5.52 -8.55
CA THR A 170 13.02 4.97 -7.25
C THR A 170 13.01 3.46 -7.35
N LEU A 171 12.61 2.78 -6.27
CA LEU A 171 12.59 1.32 -6.28
C LEU A 171 11.36 0.81 -7.02
N GLU A 172 11.55 -0.31 -7.74
CA GLU A 172 10.47 -0.97 -8.47
C GLU A 172 10.54 -2.47 -8.19
N GLY A 173 9.74 -3.23 -8.92
CA GLY A 173 9.72 -4.69 -8.77
C GLY A 173 9.82 -5.24 -7.37
N VAL A 174 10.73 -6.20 -7.18
CA VAL A 174 10.92 -6.82 -5.87
C VAL A 174 11.84 -5.98 -4.99
N LEU A 175 11.90 -4.69 -5.32
CA LEU A 175 12.69 -3.68 -4.61
C LEU A 175 14.20 -3.93 -4.46
N CYS A 176 14.87 -4.20 -5.57
CA CYS A 176 16.31 -4.44 -5.58
C CYS A 176 17.01 -3.79 -6.74
N ASN A 177 16.36 -2.81 -7.33
CA ASN A 177 16.97 -2.07 -8.39
C ASN A 177 16.07 -0.88 -8.53
N CYS A 178 16.49 0.11 -9.29
CA CYS A 178 15.69 1.29 -9.46
C CYS A 178 15.39 1.57 -10.92
N SER A 179 14.43 2.46 -11.14
CA SER A 179 14.00 2.94 -12.46
C SER A 179 13.21 4.23 -12.27
N PHE A 180 12.54 4.67 -13.33
CA PHE A 180 11.72 5.88 -13.30
C PHE A 180 10.37 5.55 -12.66
N ASP A 181 9.68 6.54 -12.10
CA ASP A 181 8.38 6.31 -11.47
C ASP A 181 7.26 6.37 -12.50
N TYR A 182 6.73 5.20 -12.85
CA TYR A 182 5.65 5.07 -13.84
C TYR A 182 4.31 4.84 -13.17
N ILE A 183 4.33 4.67 -11.85
CA ILE A 183 3.10 4.49 -11.15
C ILE A 183 2.48 5.85 -10.88
N SER A 184 3.07 6.61 -9.96
CA SER A 184 2.59 7.95 -9.62
C SER A 184 2.05 8.67 -10.85
N ARG A 185 0.72 8.86 -10.84
CA ARG A 185 -0.05 9.46 -11.95
C ARG A 185 -0.31 10.95 -11.96
N ASP A 186 0.55 11.72 -11.29
CA ASP A 186 0.36 13.17 -11.27
C ASP A 186 0.76 13.80 -12.60
N SER A 187 0.59 15.10 -12.70
CA SER A 187 0.92 15.82 -13.92
C SER A 187 2.41 15.78 -14.26
N THR A 188 3.22 16.26 -13.31
CA THR A 188 4.68 16.30 -13.46
C THR A 188 5.25 15.00 -14.02
N THR A 189 5.02 13.92 -13.28
CA THR A 189 5.51 12.61 -13.68
C THR A 189 4.93 12.13 -15.01
N ARG A 190 3.66 12.40 -15.26
CA ARG A 190 3.05 11.96 -16.50
C ARG A 190 3.62 12.60 -17.74
N SER A 191 3.98 13.87 -17.65
CA SER A 191 4.55 14.55 -18.80
C SER A 191 5.98 14.06 -19.04
N ASN A 192 6.71 13.83 -17.95
CA ASN A 192 8.09 13.37 -18.07
C ASN A 192 8.04 11.99 -18.72
N ILE A 193 7.16 11.13 -18.21
CA ILE A 193 7.02 9.79 -18.77
C ILE A 193 6.65 9.92 -20.25
N LEU A 194 5.63 10.71 -20.55
CA LEU A 194 5.25 10.87 -21.96
C LEU A 194 6.48 11.36 -22.73
N CYS A 195 7.23 12.26 -22.08
CA CYS A 195 8.45 12.81 -22.68
C CYS A 195 9.54 11.76 -22.93
N MET A 196 9.89 11.03 -21.87
CA MET A 196 10.91 9.99 -21.97
C MET A 196 10.56 9.11 -23.17
N PHE A 197 9.33 8.59 -23.17
CA PHE A 197 8.81 7.71 -24.23
C PHE A 197 8.84 8.32 -25.63
N ILE A 198 8.08 9.39 -25.80
CA ILE A 198 8.02 10.01 -27.11
C ILE A 198 9.36 10.53 -27.63
N LEU A 199 10.08 11.33 -26.84
CA LEU A 199 11.38 11.85 -27.31
C LEU A 199 12.56 10.86 -27.19
N GLY A 200 12.72 10.29 -26.00
CA GLY A 200 13.82 9.37 -25.78
C GLY A 200 13.71 8.13 -26.62
N PHE A 201 12.49 7.61 -26.69
CA PHE A 201 12.24 6.38 -27.41
C PHE A 201 11.65 6.49 -28.81
N PHE A 202 10.38 6.91 -28.92
CA PHE A 202 9.77 6.98 -30.24
C PHE A 202 10.67 7.76 -31.18
N GLY A 203 11.30 8.78 -30.63
CA GLY A 203 12.19 9.63 -31.39
C GLY A 203 13.14 8.93 -32.34
N PRO A 204 14.27 8.37 -31.84
CA PRO A 204 15.24 7.69 -32.70
C PRO A 204 14.63 6.55 -33.52
N ILE A 205 13.50 6.01 -33.04
CA ILE A 205 12.81 4.94 -33.75
C ILE A 205 12.35 5.41 -35.13
N LEU A 206 11.89 6.66 -35.18
CA LEU A 206 11.45 7.21 -36.45
C LEU A 206 12.68 7.33 -37.34
N ILE A 207 13.72 7.99 -36.83
CA ILE A 207 14.96 8.13 -37.58
C ILE A 207 15.30 6.77 -38.20
N ILE A 208 15.24 5.73 -37.37
CA ILE A 208 15.54 4.37 -37.80
C ILE A 208 14.68 3.94 -38.97
N PHE A 209 13.36 3.97 -38.80
CA PHE A 209 12.47 3.57 -39.89
C PHE A 209 12.69 4.42 -41.13
N PHE A 210 12.70 5.75 -40.98
CA PHE A 210 12.89 6.67 -42.11
C PHE A 210 14.14 6.32 -42.89
N CYS A 211 15.16 5.84 -42.19
CA CYS A 211 16.41 5.50 -42.84
C CYS A 211 16.40 4.11 -43.49
N TYR A 212 15.87 3.12 -42.81
CA TYR A 212 15.84 1.78 -43.38
C TYR A 212 14.77 1.65 -44.43
N PHE A 213 13.58 2.17 -44.15
CA PHE A 213 12.51 2.09 -45.13
C PHE A 213 12.95 2.88 -46.38
N ASN A 214 13.94 3.76 -46.17
CA ASN A 214 14.50 4.60 -47.22
C ASN A 214 15.63 3.86 -47.96
N ILE A 215 16.15 2.83 -47.31
CA ILE A 215 17.21 2.01 -47.89
C ILE A 215 16.58 0.84 -48.62
N VAL A 216 15.31 0.56 -48.31
CA VAL A 216 14.63 -0.52 -48.99
C VAL A 216 14.04 0.10 -50.25
N MET A 217 13.45 1.28 -50.10
CA MET A 217 12.86 2.00 -51.22
C MET A 217 13.94 2.65 -52.06
N SER A 218 15.07 1.97 -52.19
CA SER A 218 16.19 2.46 -52.97
C SER A 218 17.02 1.24 -53.34
N VAL A 219 16.50 0.07 -52.98
CA VAL A 219 17.17 -1.18 -53.30
C VAL A 219 17.14 -1.30 -54.81
N SER A 220 15.96 -1.06 -55.38
CA SER A 220 15.77 -1.13 -56.83
C SER A 220 16.32 0.12 -57.51
N ASN A 221 16.17 1.28 -56.87
CA ASN A 221 16.68 2.54 -57.42
C ASN A 221 18.16 2.31 -57.72
N HIS A 222 18.78 1.47 -56.90
CA HIS A 222 20.19 1.13 -57.01
C HIS A 222 20.38 -0.08 -57.92
N GLU A 223 19.39 -0.96 -57.95
CA GLU A 223 19.44 -2.16 -58.78
C GLU A 223 19.55 -1.75 -60.24
N LYS A 224 18.73 -0.78 -60.64
CA LYS A 224 18.77 -0.29 -62.02
C LYS A 224 20.05 0.48 -62.25
N GLU A 225 20.35 1.43 -61.36
CA GLU A 225 21.56 2.23 -61.49
C GLU A 225 22.84 1.40 -61.58
N MET A 226 22.86 0.25 -60.91
CA MET A 226 24.06 -0.58 -60.94
C MET A 226 24.30 -1.15 -62.33
N ALA A 227 23.22 -1.33 -63.10
CA ALA A 227 23.35 -1.85 -64.46
C ALA A 227 23.71 -0.73 -65.44
N ALA A 228 23.08 0.43 -65.29
CA ALA A 228 23.32 1.58 -66.17
C ALA A 228 24.81 1.89 -66.28
N MET A 229 25.50 1.83 -65.15
CA MET A 229 26.94 2.09 -65.12
C MET A 229 27.69 0.81 -65.44
N ALA A 230 27.03 -0.34 -65.20
CA ALA A 230 27.64 -1.63 -65.46
C ALA A 230 28.08 -1.74 -66.91
N LYS A 231 27.14 -1.55 -67.84
CA LYS A 231 27.43 -1.62 -69.26
C LYS A 231 27.97 -0.27 -69.74
N ARG A 232 28.09 0.68 -68.80
CA ARG A 232 28.60 2.02 -69.11
C ARG A 232 30.13 1.96 -69.18
N LEU A 233 30.62 1.06 -70.02
CA LEU A 233 32.04 0.85 -70.20
C LEU A 233 32.78 0.61 -68.89
N ASN A 234 32.22 -0.24 -68.03
CA ASN A 234 32.85 -0.55 -66.76
C ASN A 234 33.43 -1.96 -66.82
N ALA A 235 34.75 -2.03 -66.97
CA ALA A 235 35.47 -3.31 -67.07
C ALA A 235 35.33 -4.19 -65.83
N LYS A 236 36.23 -5.18 -65.73
CA LYS A 236 36.26 -6.14 -64.63
C LYS A 236 36.23 -5.41 -63.28
N GLU A 237 36.71 -4.17 -63.33
CA GLU A 237 36.76 -3.25 -62.19
C GLU A 237 35.35 -2.95 -61.64
N LEU A 238 34.34 -3.46 -62.33
CA LEU A 238 32.94 -3.31 -61.90
C LEU A 238 32.77 -4.19 -60.68
N ARG A 239 33.39 -5.37 -60.70
CA ARG A 239 33.31 -6.29 -59.59
C ARG A 239 33.65 -5.57 -58.28
N LYS A 240 34.70 -4.75 -58.31
CA LYS A 240 35.09 -3.98 -57.14
C LYS A 240 33.85 -3.33 -56.52
N ALA A 241 33.35 -2.28 -57.18
CA ALA A 241 32.17 -1.54 -56.74
C ALA A 241 31.07 -2.46 -56.19
N GLN A 242 30.91 -3.63 -56.80
CA GLN A 242 29.88 -4.59 -56.41
C GLN A 242 30.11 -5.21 -55.03
N ALA A 243 31.36 -5.55 -54.71
CA ALA A 243 31.68 -6.15 -53.41
C ALA A 243 31.47 -5.12 -52.31
N GLY A 244 31.84 -3.88 -52.60
CA GLY A 244 31.70 -2.81 -51.63
C GLY A 244 30.26 -2.66 -51.17
N ALA A 245 29.34 -2.60 -52.11
CA ALA A 245 27.93 -2.47 -51.78
C ALA A 245 27.43 -3.70 -51.02
N ASN A 246 28.07 -4.84 -51.26
CA ASN A 246 27.73 -6.08 -50.57
C ASN A 246 28.24 -5.91 -49.15
N ALA A 247 29.44 -5.38 -49.07
CA ALA A 247 30.10 -5.13 -47.80
C ALA A 247 29.20 -4.28 -46.92
N GLU A 248 28.83 -3.11 -47.42
CA GLU A 248 27.98 -2.16 -46.70
C GLU A 248 26.61 -2.71 -46.35
N MET A 249 26.00 -3.42 -47.29
CA MET A 249 24.68 -3.97 -47.04
C MET A 249 24.78 -4.95 -45.87
N ARG A 250 25.95 -5.57 -45.70
CA ARG A 250 26.13 -6.53 -44.61
C ARG A 250 26.11 -5.82 -43.27
N LEU A 251 26.75 -4.65 -43.23
CA LEU A 251 26.79 -3.85 -42.02
C LEU A 251 25.40 -3.27 -41.82
N ALA A 252 24.77 -2.83 -42.91
CA ALA A 252 23.43 -2.27 -42.82
C ALA A 252 22.49 -3.34 -42.27
N LYS A 253 22.65 -4.57 -42.74
CA LYS A 253 21.82 -5.66 -42.25
C LYS A 253 22.09 -5.81 -40.76
N ILE A 254 23.36 -5.78 -40.37
CA ILE A 254 23.69 -5.89 -38.95
C ILE A 254 22.88 -4.86 -38.16
N SER A 255 23.03 -3.59 -38.51
CA SER A 255 22.32 -2.48 -37.85
C SER A 255 20.92 -2.87 -37.43
N ILE A 256 20.13 -3.34 -38.40
CA ILE A 256 18.75 -3.72 -38.13
C ILE A 256 18.65 -4.79 -37.07
N VAL A 257 19.56 -5.74 -37.07
CA VAL A 257 19.44 -6.78 -36.07
C VAL A 257 19.69 -6.31 -34.63
N ILE A 258 20.69 -5.46 -34.44
CA ILE A 258 20.98 -4.96 -33.10
C ILE A 258 19.84 -4.05 -32.63
N VAL A 259 19.21 -3.37 -33.58
CA VAL A 259 18.08 -2.48 -33.31
C VAL A 259 16.88 -3.33 -32.97
N SER A 260 16.72 -4.43 -33.71
CA SER A 260 15.62 -5.35 -33.49
C SER A 260 15.80 -5.89 -32.11
N GLN A 261 17.05 -6.21 -31.78
CA GLN A 261 17.38 -6.74 -30.48
C GLN A 261 16.90 -5.77 -29.43
N PHE A 262 17.23 -4.50 -29.63
CA PHE A 262 16.84 -3.46 -28.68
C PHE A 262 15.32 -3.39 -28.46
N LEU A 263 14.57 -3.15 -29.53
CA LEU A 263 13.11 -3.06 -29.46
C LEU A 263 12.53 -4.24 -28.71
N LEU A 264 12.75 -5.43 -29.25
CA LEU A 264 12.26 -6.65 -28.63
C LEU A 264 12.71 -6.76 -27.18
N SER A 265 13.78 -6.03 -26.84
CA SER A 265 14.33 -6.02 -25.48
C SER A 265 13.62 -5.06 -24.53
N TRP A 266 13.40 -3.83 -24.98
CA TRP A 266 12.75 -2.81 -24.16
C TRP A 266 11.23 -2.73 -24.23
N SER A 267 10.65 -3.07 -25.38
CA SER A 267 9.20 -2.99 -25.55
C SER A 267 8.41 -3.66 -24.43
N PRO A 268 8.71 -4.92 -24.12
CA PRO A 268 7.97 -5.58 -23.03
C PRO A 268 7.85 -4.62 -21.83
N TYR A 269 9.00 -4.24 -21.30
CA TYR A 269 9.06 -3.34 -20.15
C TYR A 269 8.29 -2.04 -20.37
N ALA A 270 8.63 -1.34 -21.46
CA ALA A 270 7.95 -0.10 -21.80
C ALA A 270 6.46 -0.29 -21.62
N VAL A 271 5.95 -1.40 -22.16
CA VAL A 271 4.54 -1.73 -22.09
C VAL A 271 4.05 -1.85 -20.65
N VAL A 272 4.57 -2.81 -19.89
CA VAL A 272 4.13 -2.97 -18.50
C VAL A 272 4.15 -1.63 -17.77
N ALA A 273 5.02 -0.73 -18.24
CA ALA A 273 5.17 0.59 -17.66
C ALA A 273 3.90 1.39 -17.89
N LEU A 274 3.59 1.63 -19.15
CA LEU A 274 2.40 2.40 -19.56
C LEU A 274 1.12 1.85 -18.98
N LEU A 275 1.05 0.53 -18.84
CA LEU A 275 -0.13 -0.08 -18.26
C LEU A 275 -0.28 0.55 -16.89
N ALA A 276 0.79 0.50 -16.12
CA ALA A 276 0.78 1.04 -14.75
C ALA A 276 0.48 2.54 -14.69
N GLN A 277 0.90 3.26 -15.72
CA GLN A 277 0.69 4.69 -15.77
C GLN A 277 -0.65 5.06 -16.39
N PHE A 278 -1.24 4.15 -17.16
CA PHE A 278 -2.51 4.43 -17.83
C PHE A 278 -3.59 3.36 -17.68
N GLY A 279 -3.17 2.10 -17.59
CA GLY A 279 -4.14 1.04 -17.47
C GLY A 279 -4.33 0.47 -16.08
N PRO A 280 -4.66 -0.83 -16.02
CA PRO A 280 -4.90 -1.60 -14.80
C PRO A 280 -3.68 -1.84 -13.92
N LEU A 281 -3.42 -0.98 -12.95
CA LEU A 281 -2.27 -1.17 -12.09
C LEU A 281 -2.25 -2.56 -11.43
N GLU A 282 -3.42 -3.15 -11.20
CA GLU A 282 -3.45 -4.48 -10.59
C GLU A 282 -2.74 -5.47 -11.52
N TRP A 283 -2.48 -5.04 -12.74
CA TRP A 283 -1.78 -5.86 -13.72
C TRP A 283 -0.30 -5.89 -13.37
N VAL A 284 0.25 -4.69 -13.15
CA VAL A 284 1.64 -4.49 -12.82
C VAL A 284 1.99 -5.14 -11.47
N THR A 285 2.26 -6.43 -11.47
CA THR A 285 2.59 -7.15 -10.24
C THR A 285 4.10 -7.28 -10.08
N PRO A 286 4.56 -7.92 -9.00
CA PRO A 286 6.00 -8.08 -8.81
C PRO A 286 6.70 -8.61 -10.06
N TYR A 287 6.33 -9.83 -10.47
CA TYR A 287 6.94 -10.44 -11.66
C TYR A 287 6.52 -9.74 -12.94
N ALA A 288 5.33 -9.13 -12.93
CA ALA A 288 4.80 -8.42 -14.10
C ALA A 288 5.75 -7.29 -14.51
N ALA A 289 6.39 -6.68 -13.52
CA ALA A 289 7.34 -5.61 -13.77
C ALA A 289 8.77 -6.15 -13.77
N GLN A 290 9.09 -7.01 -12.80
CA GLN A 290 10.44 -7.54 -12.70
C GLN A 290 10.95 -8.20 -13.97
N LEU A 291 10.65 -9.49 -14.14
CA LEU A 291 11.11 -10.23 -15.30
C LEU A 291 11.17 -9.47 -16.62
N PRO A 292 10.13 -8.73 -16.98
CA PRO A 292 10.21 -7.99 -18.25
C PRO A 292 11.29 -6.88 -18.22
N VAL A 293 11.71 -6.46 -17.01
CA VAL A 293 12.77 -5.44 -16.90
C VAL A 293 14.14 -6.09 -17.03
N MET A 294 14.25 -7.31 -16.48
CA MET A 294 15.47 -8.10 -16.53
C MET A 294 15.84 -8.31 -18.00
N PHE A 295 14.87 -8.80 -18.74
CA PHE A 295 15.00 -9.05 -20.15
C PHE A 295 15.47 -7.73 -20.80
N ALA A 296 15.01 -6.60 -20.27
CA ALA A 296 15.37 -5.29 -20.81
C ALA A 296 16.81 -4.90 -20.54
N LYS A 297 17.27 -5.24 -19.34
CA LYS A 297 18.64 -4.95 -18.93
C LYS A 297 19.64 -5.76 -19.78
N ALA A 298 19.42 -7.06 -19.93
CA ALA A 298 20.34 -7.90 -20.70
C ALA A 298 20.55 -7.41 -22.13
N SER A 299 19.73 -6.45 -22.56
CA SER A 299 19.83 -5.91 -23.91
C SER A 299 21.20 -5.36 -24.19
N ALA A 300 21.78 -4.71 -23.20
CA ALA A 300 23.11 -4.10 -23.36
C ALA A 300 24.24 -5.12 -23.48
N ILE A 301 23.90 -6.37 -23.74
CA ILE A 301 24.93 -7.39 -23.87
C ILE A 301 24.81 -8.22 -25.13
N HIS A 302 23.85 -7.88 -25.98
CA HIS A 302 23.64 -8.66 -27.20
C HIS A 302 24.50 -8.16 -28.34
N ASN A 303 24.56 -6.85 -28.52
CA ASN A 303 25.37 -6.27 -29.59
C ASN A 303 26.70 -7.02 -29.80
N PRO A 304 27.57 -7.07 -28.77
CA PRO A 304 28.86 -7.76 -28.91
C PRO A 304 28.77 -9.16 -29.51
N MET A 305 27.71 -9.89 -29.14
CA MET A 305 27.51 -11.25 -29.63
C MET A 305 27.05 -11.26 -31.11
N ILE A 306 26.15 -10.34 -31.48
CA ILE A 306 25.69 -10.23 -32.86
C ILE A 306 26.86 -9.94 -33.78
N TYR A 307 27.81 -9.13 -33.30
CA TYR A 307 29.00 -8.77 -34.07
C TYR A 307 29.91 -9.97 -34.27
N SER A 308 30.10 -10.72 -33.18
CA SER A 308 30.97 -11.89 -33.18
C SER A 308 30.55 -13.02 -34.11
N VAL A 309 29.33 -12.95 -34.63
CA VAL A 309 28.86 -13.99 -35.53
C VAL A 309 28.43 -13.43 -36.87
N SER A 310 28.50 -12.11 -37.05
CA SER A 310 28.07 -11.51 -38.30
C SER A 310 28.93 -10.36 -38.81
N HIS A 311 30.06 -10.11 -38.15
CA HIS A 311 30.95 -9.04 -38.56
C HIS A 311 32.28 -9.59 -39.06
N PRO A 312 32.52 -9.54 -40.39
CA PRO A 312 33.80 -10.09 -40.83
C PRO A 312 35.05 -9.45 -40.22
N LYS A 313 35.31 -8.18 -40.52
CA LYS A 313 36.53 -7.56 -40.00
C LYS A 313 36.65 -7.73 -38.49
N PHE A 314 35.55 -7.48 -37.79
CA PHE A 314 35.56 -7.61 -36.34
C PHE A 314 35.87 -9.04 -35.94
N ARG A 315 35.27 -10.01 -36.64
CA ARG A 315 35.50 -11.41 -36.32
C ARG A 315 36.92 -11.80 -36.63
N GLU A 316 37.47 -11.15 -37.65
CA GLU A 316 38.85 -11.37 -38.07
C GLU A 316 39.69 -10.96 -36.86
N ALA A 317 39.45 -9.75 -36.38
CA ALA A 317 40.16 -9.18 -35.23
C ALA A 317 40.15 -10.09 -34.02
N ILE A 318 38.99 -10.64 -33.70
CA ILE A 318 38.89 -11.52 -32.53
C ILE A 318 39.81 -12.71 -32.74
N SER A 319 39.72 -13.32 -33.92
CA SER A 319 40.53 -14.49 -34.25
C SER A 319 42.02 -14.23 -34.02
N GLN A 320 42.42 -12.97 -34.23
CA GLN A 320 43.81 -12.55 -34.06
C GLN A 320 44.16 -12.05 -32.65
N THR A 321 43.16 -11.84 -31.79
CA THR A 321 43.41 -11.34 -30.43
C THR A 321 42.88 -12.17 -29.25
N PHE A 322 41.64 -12.66 -29.36
CA PHE A 322 41.04 -13.49 -28.32
C PHE A 322 40.36 -14.68 -28.98
N PRO A 323 40.97 -15.22 -30.06
CA PRO A 323 40.41 -16.34 -30.81
C PRO A 323 39.69 -17.41 -30.02
N TRP A 324 40.00 -17.55 -28.74
CA TRP A 324 39.33 -18.58 -27.96
C TRP A 324 37.83 -18.30 -27.83
N VAL A 325 37.40 -17.11 -28.25
CA VAL A 325 36.01 -16.71 -28.18
C VAL A 325 35.21 -17.20 -29.40
N LEU A 326 35.80 -17.10 -30.57
CA LEU A 326 35.17 -17.52 -31.83
C LEU A 326 35.22 -19.03 -32.04
N THR A 327 35.28 -19.79 -30.95
CA THR A 327 35.33 -21.25 -31.09
C THR A 327 34.12 -21.77 -31.84
N CYS A 328 32.97 -21.75 -31.18
CA CYS A 328 31.74 -22.23 -31.80
C CYS A 328 31.38 -21.46 -33.08
N CYS A 329 32.08 -20.35 -33.33
CA CYS A 329 31.85 -19.53 -34.52
C CYS A 329 33.20 -19.25 -35.15
N GLN A 330 33.86 -20.32 -35.58
CA GLN A 330 35.19 -20.26 -36.19
C GLN A 330 35.32 -19.31 -37.37
N PHE A 331 36.41 -18.55 -37.39
CA PHE A 331 36.66 -17.58 -38.46
C PHE A 331 37.40 -18.17 -39.66
N ASP A 332 37.17 -17.59 -40.84
CA ASP A 332 37.79 -17.99 -42.10
C ASP A 332 38.08 -16.77 -42.97
N ASP A 333 39.21 -16.81 -43.68
CA ASP A 333 39.60 -15.68 -44.54
C ASP A 333 38.54 -15.28 -45.55
N LYS A 334 37.85 -16.26 -46.11
CA LYS A 334 36.83 -16.00 -47.12
C LYS A 334 35.79 -14.96 -46.69
N GLU A 335 35.64 -14.78 -45.38
CA GLU A 335 34.67 -13.83 -44.84
C GLU A 335 35.11 -12.38 -45.03
N THR A 336 36.38 -12.21 -45.39
CA THR A 336 36.96 -10.88 -45.56
C THR A 336 37.22 -10.52 -47.03
N GLU A 337 36.90 -11.44 -47.92
CA GLU A 337 37.11 -11.25 -49.36
C GLU A 337 36.40 -10.00 -49.89
N ASP A 338 35.11 -9.88 -49.63
CA ASP A 338 34.32 -8.74 -50.09
C ASP A 338 34.92 -7.39 -49.71
N ASP A 339 35.67 -7.36 -48.61
CA ASP A 339 36.30 -6.11 -48.18
C ASP A 339 37.58 -5.91 -48.99
N LYS A 340 38.19 -7.02 -49.40
CA LYS A 340 39.41 -6.99 -50.19
C LYS A 340 39.14 -6.29 -51.52
N ASP A 341 38.20 -6.83 -52.29
CA ASP A 341 37.85 -6.27 -53.59
C ASP A 341 37.42 -4.81 -53.44
N ALA A 342 36.54 -4.56 -52.48
CA ALA A 342 36.01 -3.23 -52.23
C ALA A 342 37.08 -2.19 -51.95
N GLU A 343 38.12 -2.57 -51.21
CA GLU A 343 39.20 -1.66 -50.87
C GLU A 343 40.32 -1.64 -51.91
N THR A 344 40.67 -2.80 -52.47
CA THR A 344 41.72 -2.87 -53.48
C THR A 344 41.42 -1.84 -54.56
N GLU A 345 42.29 -0.84 -54.68
CA GLU A 345 42.07 0.21 -55.66
C GLU A 345 42.80 0.02 -56.98
N ILE A 346 42.02 -0.12 -58.05
CA ILE A 346 42.58 -0.30 -59.39
C ILE A 346 43.42 0.91 -59.82
N PRO A 347 44.73 0.70 -60.04
CA PRO A 347 45.68 1.74 -60.46
C PRO A 347 45.58 2.20 -61.91
N ALA A 348 45.34 3.49 -62.12
CA ALA A 348 45.22 4.08 -63.45
C ALA A 348 44.18 3.37 -64.31
N GLY A 349 43.16 2.80 -63.66
CA GLY A 349 42.12 2.09 -64.38
C GLY A 349 42.71 0.87 -65.07
N GLU A 350 43.85 0.43 -64.57
CA GLU A 350 44.58 -0.71 -65.13
C GLU A 350 44.94 -0.46 -66.58
N GLU B 1 -1.62 -14.53 -4.97
CA GLU B 1 -0.33 -14.04 -4.41
C GLU B 1 -0.56 -12.89 -3.41
N THR B 2 -1.45 -13.10 -2.43
CA THR B 2 -1.74 -12.11 -1.38
C THR B 2 -2.39 -12.81 -0.18
N TRP B 3 -2.55 -12.10 0.95
CA TRP B 3 -3.12 -12.67 2.18
C TRP B 3 -4.25 -11.85 2.81
N TRP B 4 -4.22 -10.54 2.58
CA TRP B 4 -5.23 -9.65 3.14
C TRP B 4 -6.38 -9.59 2.15
N TYR B 5 -6.16 -10.13 0.97
CA TYR B 5 -7.17 -10.11 -0.07
C TYR B 5 -8.55 -10.53 0.38
N ASN B 6 -9.53 -9.66 0.15
CA ASN B 6 -10.87 -10.03 0.51
C ASN B 6 -11.74 -10.04 -0.74
N PRO B 7 -12.26 -11.23 -1.09
CA PRO B 7 -13.10 -11.37 -2.28
C PRO B 7 -14.40 -10.57 -2.22
N SER B 8 -14.63 -9.84 -1.14
CA SER B 8 -15.85 -9.08 -1.01
C SER B 8 -15.68 -7.63 -0.51
N ILE B 9 -14.59 -7.37 0.21
CA ILE B 9 -14.32 -6.06 0.77
C ILE B 9 -12.97 -5.51 0.31
N VAL B 10 -12.94 -4.29 -0.21
CA VAL B 10 -11.69 -3.71 -0.70
C VAL B 10 -10.85 -3.26 0.52
N VAL B 11 -10.04 -4.17 1.04
CA VAL B 11 -9.20 -3.87 2.20
C VAL B 11 -8.40 -2.61 1.97
N HIS B 12 -8.52 -1.64 2.89
CA HIS B 12 -7.78 -0.40 2.76
C HIS B 12 -6.30 -0.72 2.70
N PRO B 13 -5.60 -0.15 1.71
CA PRO B 13 -4.17 -0.34 1.48
C PRO B 13 -3.37 -0.33 2.78
N HIS B 14 -3.63 0.65 3.64
CA HIS B 14 -2.93 0.79 4.89
C HIS B 14 -2.56 -0.55 5.54
N TRP B 15 -3.52 -1.48 5.59
CA TRP B 15 -3.32 -2.80 6.21
C TRP B 15 -2.61 -3.80 5.31
N ARG B 16 -2.60 -3.53 4.00
CA ARG B 16 -1.96 -4.46 3.09
C ARG B 16 -0.45 -4.43 3.30
N GLU B 17 0.10 -3.23 3.50
CA GLU B 17 1.55 -3.15 3.68
C GLU B 17 2.11 -4.06 4.78
N PHE B 18 1.46 -4.07 5.93
CA PHE B 18 1.88 -4.92 7.03
C PHE B 18 1.87 -6.37 6.63
N ASP B 19 2.51 -7.22 7.43
CA ASP B 19 2.55 -8.65 7.15
C ASP B 19 1.41 -9.32 7.89
N GLN B 20 1.24 -10.62 7.70
CA GLN B 20 0.17 -11.36 8.38
C GLN B 20 0.60 -11.83 9.77
N VAL B 21 -0.18 -11.50 10.80
CA VAL B 21 0.18 -11.91 12.16
C VAL B 21 0.25 -13.44 12.32
N PRO B 22 0.77 -13.92 13.46
CA PRO B 22 0.91 -15.35 13.78
C PRO B 22 -0.42 -16.01 14.10
N ASP B 23 -0.63 -17.21 13.59
CA ASP B 23 -1.88 -17.92 13.85
C ASP B 23 -2.39 -17.69 15.26
N ALA B 24 -1.53 -17.95 16.25
CA ALA B 24 -1.93 -17.78 17.65
C ALA B 24 -2.61 -16.44 17.92
N VAL B 25 -2.08 -15.36 17.36
CA VAL B 25 -2.66 -14.02 17.55
C VAL B 25 -4.11 -14.04 17.05
N TYR B 26 -4.30 -14.64 15.88
CA TYR B 26 -5.64 -14.77 15.29
C TYR B 26 -6.50 -15.63 16.19
N TYR B 27 -6.02 -16.81 16.52
CA TYR B 27 -6.79 -17.72 17.36
C TYR B 27 -7.04 -17.12 18.74
N SER B 28 -6.13 -16.27 19.20
CA SER B 28 -6.28 -15.61 20.50
C SER B 28 -7.42 -14.62 20.38
N LEU B 29 -7.37 -13.81 19.33
CA LEU B 29 -8.40 -12.82 19.10
C LEU B 29 -9.76 -13.52 19.05
N GLY B 30 -9.85 -14.55 18.22
CA GLY B 30 -11.10 -15.29 18.09
C GLY B 30 -11.71 -15.69 19.42
N ILE B 31 -11.01 -16.54 20.16
CA ILE B 31 -11.51 -17.00 21.45
C ILE B 31 -11.66 -15.88 22.46
N PHE B 32 -10.80 -14.88 22.39
CA PHE B 32 -10.93 -13.78 23.33
C PHE B 32 -12.28 -13.10 23.13
N ILE B 33 -12.58 -12.72 21.89
CA ILE B 33 -13.84 -12.07 21.58
C ILE B 33 -14.96 -13.07 21.65
N GLY B 34 -14.62 -14.35 21.59
CA GLY B 34 -15.64 -15.38 21.68
C GLY B 34 -16.16 -15.41 23.10
N ILE B 35 -15.24 -15.42 24.07
CA ILE B 35 -15.60 -15.45 25.48
C ILE B 35 -16.43 -14.22 25.83
N CYS B 36 -16.12 -13.09 25.20
CA CYS B 36 -16.88 -11.86 25.45
C CYS B 36 -18.33 -12.11 25.07
N GLY B 37 -18.53 -12.83 23.97
CA GLY B 37 -19.87 -13.13 23.55
C GLY B 37 -20.54 -13.87 24.68
N ILE B 38 -19.89 -14.93 25.16
CA ILE B 38 -20.47 -15.72 26.24
C ILE B 38 -20.77 -14.91 27.49
N ILE B 39 -19.76 -14.24 28.02
CA ILE B 39 -19.91 -13.43 29.24
C ILE B 39 -20.79 -12.20 29.03
N GLY B 40 -20.75 -11.62 27.83
CA GLY B 40 -21.57 -10.45 27.56
C GLY B 40 -23.06 -10.78 27.45
N CYS B 41 -23.36 -11.84 26.69
CA CYS B 41 -24.74 -12.30 26.50
C CYS B 41 -25.26 -12.92 27.79
N GLY B 42 -24.36 -13.65 28.45
CA GLY B 42 -24.73 -14.28 29.70
C GLY B 42 -25.21 -13.23 30.70
N GLY B 43 -24.26 -12.51 31.28
CA GLY B 43 -24.57 -11.47 32.24
C GLY B 43 -25.65 -10.48 31.84
N ASN B 44 -25.57 -9.94 30.63
CA ASN B 44 -26.60 -9.00 30.18
C ASN B 44 -27.97 -9.66 30.08
N GLY B 45 -27.98 -10.95 29.80
CA GLY B 45 -29.25 -11.66 29.71
C GLY B 45 -29.85 -11.68 31.10
N ILE B 46 -29.03 -12.12 32.06
CA ILE B 46 -29.41 -12.19 33.48
C ILE B 46 -30.01 -10.85 33.95
N VAL B 47 -29.34 -9.76 33.60
CA VAL B 47 -29.82 -8.45 34.01
C VAL B 47 -31.18 -8.15 33.35
N ILE B 48 -31.28 -8.24 32.03
CA ILE B 48 -32.57 -7.95 31.41
C ILE B 48 -33.59 -8.82 32.10
N TYR B 49 -33.25 -10.10 32.28
CA TYR B 49 -34.14 -11.06 32.92
C TYR B 49 -34.56 -10.69 34.35
N LEU B 50 -33.61 -10.66 35.27
CA LEU B 50 -33.94 -10.32 36.65
C LEU B 50 -34.60 -8.95 36.88
N PHE B 51 -34.12 -7.92 36.18
CA PHE B 51 -34.67 -6.58 36.36
C PHE B 51 -36.09 -6.42 35.85
N THR B 52 -36.47 -7.26 34.91
CA THR B 52 -37.82 -7.17 34.36
C THR B 52 -38.78 -8.02 35.15
N LYS B 53 -38.26 -9.06 35.80
CA LYS B 53 -39.11 -9.95 36.56
C LYS B 53 -39.11 -9.62 38.04
N THR B 54 -37.94 -9.61 38.66
CA THR B 54 -37.85 -9.31 40.09
C THR B 54 -38.58 -8.01 40.46
N LYS B 55 -39.77 -8.16 41.03
CA LYS B 55 -40.60 -7.01 41.43
C LYS B 55 -39.89 -5.91 42.23
N SER B 56 -38.88 -6.27 43.01
CA SER B 56 -38.17 -5.27 43.81
C SER B 56 -37.35 -4.29 42.97
N LEU B 57 -37.31 -4.51 41.65
CA LEU B 57 -36.55 -3.64 40.76
C LEU B 57 -37.43 -2.94 39.70
N GLN B 58 -38.74 -3.06 39.82
CA GLN B 58 -39.64 -2.45 38.85
C GLN B 58 -39.65 -0.92 38.78
N THR B 59 -38.80 -0.25 39.55
CA THR B 59 -38.75 1.22 39.53
C THR B 59 -38.34 1.78 38.15
N PRO B 60 -38.99 2.88 37.69
CA PRO B 60 -38.72 3.51 36.39
C PRO B 60 -37.28 3.70 35.91
N ALA B 61 -36.49 4.43 36.69
CA ALA B 61 -35.10 4.67 36.31
C ALA B 61 -34.42 3.38 35.86
N ASN B 62 -34.79 2.27 36.50
CA ASN B 62 -34.20 0.97 36.16
C ASN B 62 -34.43 0.61 34.68
N MET B 63 -35.49 1.15 34.10
CA MET B 63 -35.79 0.91 32.69
C MET B 63 -34.52 1.19 31.88
N PHE B 64 -33.75 2.20 32.32
CA PHE B 64 -32.51 2.58 31.68
C PHE B 64 -31.47 1.47 31.78
N ILE B 65 -31.42 0.78 32.92
CA ILE B 65 -30.46 -0.30 33.09
C ILE B 65 -30.79 -1.38 32.09
N ILE B 66 -32.05 -1.75 32.07
CA ILE B 66 -32.52 -2.77 31.16
C ILE B 66 -32.18 -2.40 29.73
N ASN B 67 -32.37 -1.14 29.35
CA ASN B 67 -32.02 -0.76 27.98
C ASN B 67 -30.53 -0.84 27.76
N LEU B 68 -29.75 -0.55 28.79
CA LEU B 68 -28.29 -0.60 28.68
C LEU B 68 -27.92 -2.06 28.43
N ALA B 69 -28.52 -2.95 29.20
CA ALA B 69 -28.26 -4.38 29.05
C ALA B 69 -28.63 -4.88 27.66
N PHE B 70 -29.85 -4.59 27.21
CA PHE B 70 -30.24 -5.04 25.90
C PHE B 70 -29.23 -4.59 24.87
N SER B 71 -28.83 -3.32 24.97
CA SER B 71 -27.85 -2.69 24.08
C SER B 71 -26.50 -3.40 24.13
N ASP B 72 -26.02 -3.63 25.35
CA ASP B 72 -24.73 -4.30 25.58
C ASP B 72 -24.81 -5.76 25.14
N PHE B 73 -25.99 -6.35 25.31
CA PHE B 73 -26.21 -7.73 24.92
C PHE B 73 -26.00 -7.85 23.41
N THR B 74 -26.78 -7.06 22.68
CA THR B 74 -26.73 -7.04 21.21
C THR B 74 -25.30 -6.88 20.70
N PHE B 75 -24.50 -6.04 21.36
CA PHE B 75 -23.12 -5.79 20.97
C PHE B 75 -22.31 -7.07 21.14
N SER B 76 -22.31 -7.59 22.37
CA SER B 76 -21.58 -8.83 22.68
C SER B 76 -21.99 -10.00 21.78
N LEU B 77 -23.23 -9.95 21.30
CA LEU B 77 -23.74 -11.01 20.43
C LEU B 77 -23.23 -10.84 19.01
N VAL B 78 -23.59 -9.71 18.39
CA VAL B 78 -23.19 -9.43 17.01
C VAL B 78 -21.70 -9.21 16.82
N ASN B 79 -21.01 -8.73 17.85
CA ASN B 79 -19.59 -8.47 17.65
C ASN B 79 -18.60 -9.58 17.98
N GLY B 80 -19.05 -10.64 18.66
CA GLY B 80 -18.15 -11.73 18.99
C GLY B 80 -18.30 -12.97 18.11
N PHE B 81 -19.08 -13.93 18.60
CA PHE B 81 -19.34 -15.17 17.86
C PHE B 81 -20.72 -15.09 17.18
N PRO B 82 -20.83 -15.56 15.94
CA PRO B 82 -19.80 -16.16 15.09
C PRO B 82 -18.98 -15.21 14.24
N LEU B 83 -19.63 -14.15 13.77
CA LEU B 83 -18.97 -13.18 12.90
C LEU B 83 -17.48 -12.96 13.10
N MET B 84 -17.08 -12.45 14.26
CA MET B 84 -15.65 -12.21 14.47
C MET B 84 -14.86 -13.47 14.75
N THR B 85 -15.23 -14.21 15.78
CA THR B 85 -14.54 -15.44 16.14
C THR B 85 -14.25 -16.34 14.93
N ILE B 86 -15.28 -16.72 14.18
CA ILE B 86 -15.10 -17.59 13.02
C ILE B 86 -14.14 -16.99 11.99
N SER B 87 -14.05 -15.66 11.94
CA SER B 87 -13.14 -15.00 11.01
C SER B 87 -11.69 -15.07 11.48
N CYS B 88 -11.50 -15.10 12.79
CA CYS B 88 -10.17 -15.18 13.34
C CYS B 88 -9.64 -16.58 13.10
N PHE B 89 -10.41 -17.59 13.47
CA PHE B 89 -9.97 -18.97 13.27
C PHE B 89 -9.64 -19.27 11.80
N LEU B 90 -10.31 -18.58 10.88
CA LEU B 90 -10.06 -18.76 9.46
C LEU B 90 -9.15 -17.67 8.91
N LYS B 91 -8.74 -16.77 9.80
CA LYS B 91 -7.88 -15.64 9.45
C LYS B 91 -8.44 -15.00 8.19
N LYS B 92 -9.74 -14.69 8.21
CA LYS B 92 -10.38 -14.07 7.05
C LYS B 92 -11.82 -13.77 7.38
N TRP B 93 -12.34 -12.68 6.86
CA TRP B 93 -13.73 -12.37 7.10
C TRP B 93 -14.38 -13.01 5.88
N ILE B 94 -15.08 -14.13 6.12
CA ILE B 94 -15.73 -14.86 5.04
C ILE B 94 -17.22 -14.53 4.90
N PHE B 95 -17.73 -13.71 5.81
CA PHE B 95 -19.14 -13.33 5.82
C PHE B 95 -19.64 -12.24 4.86
N GLY B 96 -18.78 -11.77 3.96
CA GLY B 96 -19.19 -10.76 3.00
C GLY B 96 -19.35 -9.30 3.46
N PHE B 97 -19.46 -8.41 2.47
CA PHE B 97 -19.61 -6.97 2.67
C PHE B 97 -20.81 -6.55 3.51
N ALA B 98 -22.02 -6.94 3.09
CA ALA B 98 -23.24 -6.59 3.81
C ALA B 98 -23.10 -6.91 5.29
N ALA B 99 -22.53 -8.08 5.60
CA ALA B 99 -22.34 -8.48 7.00
C ALA B 99 -21.42 -7.48 7.69
N CYS B 100 -20.36 -7.10 6.99
CA CYS B 100 -19.37 -6.15 7.47
C CYS B 100 -19.99 -4.80 7.82
N LYS B 101 -20.92 -4.37 6.99
CA LYS B 101 -21.59 -3.10 7.26
C LYS B 101 -22.46 -3.27 8.49
N VAL B 102 -23.40 -4.20 8.41
CA VAL B 102 -24.31 -4.50 9.50
C VAL B 102 -23.58 -4.67 10.81
N TYR B 103 -22.44 -5.35 10.74
CA TYR B 103 -21.58 -5.61 11.88
C TYR B 103 -21.04 -4.28 12.45
N GLY B 104 -20.43 -3.49 11.58
CA GLY B 104 -19.93 -2.21 12.02
C GLY B 104 -21.09 -1.34 12.48
N PHE B 105 -22.14 -1.34 11.67
CA PHE B 105 -23.33 -0.56 11.95
C PHE B 105 -23.91 -0.87 13.31
N ILE B 106 -24.02 -2.15 13.65
CA ILE B 106 -24.59 -2.50 14.94
C ILE B 106 -23.63 -2.16 16.09
N GLY B 107 -22.38 -2.56 15.97
CA GLY B 107 -21.41 -2.25 17.01
C GLY B 107 -21.39 -0.77 17.35
N GLY B 108 -21.52 0.06 16.33
CA GLY B 108 -21.52 1.50 16.52
C GLY B 108 -22.76 1.97 17.27
N ILE B 109 -23.91 1.79 16.67
CA ILE B 109 -25.13 2.24 17.31
C ILE B 109 -25.24 1.87 18.79
N PHE B 110 -24.82 0.65 19.16
CA PHE B 110 -24.92 0.25 20.56
C PHE B 110 -23.80 0.77 21.45
N GLY B 111 -22.68 1.14 20.83
CA GLY B 111 -21.61 1.76 21.60
C GLY B 111 -22.24 3.10 22.00
N PHE B 112 -22.63 3.87 20.98
CA PHE B 112 -23.29 5.15 21.18
C PHE B 112 -24.45 4.99 22.15
N MET B 113 -25.21 3.91 21.96
CA MET B 113 -26.37 3.63 22.79
C MET B 113 -26.10 3.47 24.27
N SER B 114 -24.98 2.81 24.62
CA SER B 114 -24.68 2.60 26.04
C SER B 114 -24.27 3.87 26.81
N ILE B 115 -23.42 4.72 26.23
CA ILE B 115 -23.04 5.98 26.90
C ILE B 115 -24.25 6.90 26.97
N MET B 116 -24.86 7.20 25.81
CA MET B 116 -26.02 8.09 25.82
C MET B 116 -27.11 7.59 26.75
N THR B 117 -27.08 6.30 27.05
CA THR B 117 -28.06 5.75 27.98
C THR B 117 -27.58 6.11 29.35
N MET B 118 -26.27 6.00 29.55
CA MET B 118 -25.66 6.35 30.82
C MET B 118 -25.93 7.84 31.09
N ALA B 119 -25.81 8.68 30.07
CA ALA B 119 -26.10 10.09 30.26
C ALA B 119 -27.50 10.16 30.86
N MET B 120 -28.42 9.36 30.32
CA MET B 120 -29.80 9.32 30.79
C MET B 120 -29.89 8.94 32.27
N ILE B 121 -29.12 7.95 32.69
CA ILE B 121 -29.13 7.53 34.08
C ILE B 121 -28.64 8.70 34.91
N SER B 122 -27.52 9.29 34.48
CA SER B 122 -26.92 10.44 35.17
C SER B 122 -27.94 11.55 35.38
N ILE B 123 -28.73 11.83 34.36
CA ILE B 123 -29.77 12.86 34.44
C ILE B 123 -30.66 12.53 35.64
N ASP B 124 -31.00 11.24 35.78
CA ASP B 124 -31.85 10.80 36.89
C ASP B 124 -31.10 10.85 38.21
N ARG B 125 -29.87 10.37 38.20
CA ARG B 125 -29.04 10.36 39.37
C ARG B 125 -28.89 11.79 39.91
N TYR B 126 -28.77 12.75 38.98
CA TYR B 126 -28.63 14.15 39.37
C TYR B 126 -29.96 14.71 39.88
N ASN B 127 -31.06 14.16 39.39
CA ASN B 127 -32.39 14.62 39.81
C ASN B 127 -32.79 14.19 41.21
N VAL B 128 -32.24 13.08 41.69
CA VAL B 128 -32.58 12.57 43.01
C VAL B 128 -31.46 12.79 44.02
N ILE B 129 -30.31 13.30 43.55
CA ILE B 129 -29.19 13.56 44.45
C ILE B 129 -28.67 14.97 44.24
N GLY B 130 -28.28 15.28 43.00
CA GLY B 130 -27.74 16.61 42.68
C GLY B 130 -28.68 17.79 42.88
N ARG B 131 -29.71 17.61 43.70
CA ARG B 131 -30.67 18.66 43.97
C ARG B 131 -31.14 18.58 45.42
N PRO B 132 -31.62 19.71 45.98
CA PRO B 132 -32.10 19.79 47.36
C PRO B 132 -33.16 18.76 47.72
N MET B 133 -33.15 18.33 48.98
CA MET B 133 -34.10 17.34 49.48
C MET B 133 -35.51 17.76 49.08
N ALA B 134 -35.68 19.05 48.76
CA ALA B 134 -36.96 19.60 48.36
C ALA B 134 -37.15 19.55 46.84
N ALA B 135 -36.04 19.60 46.12
CA ALA B 135 -36.08 19.59 44.67
C ALA B 135 -35.94 18.20 44.04
N SER B 136 -35.58 17.21 44.86
CA SER B 136 -35.42 15.84 44.40
C SER B 136 -36.66 15.34 43.65
N LYS B 137 -36.44 14.52 42.63
CA LYS B 137 -37.52 13.97 41.80
C LYS B 137 -37.18 12.56 41.28
N LYS B 138 -37.97 11.57 41.67
CA LYS B 138 -37.78 10.19 41.25
C LYS B 138 -38.13 10.10 39.78
N MET B 139 -37.49 9.19 39.05
CA MET B 139 -37.79 9.06 37.63
C MET B 139 -39.15 8.40 37.49
N SER B 140 -39.94 8.80 36.51
CA SER B 140 -41.25 8.20 36.31
C SER B 140 -41.21 7.32 35.06
N HIS B 141 -42.26 6.56 34.83
CA HIS B 141 -42.31 5.70 33.66
C HIS B 141 -42.48 6.58 32.40
N ARG B 142 -43.15 7.71 32.56
CA ARG B 142 -43.41 8.64 31.46
C ARG B 142 -42.13 9.24 30.88
N ARG B 143 -41.34 9.91 31.73
CA ARG B 143 -40.09 10.54 31.27
C ARG B 143 -39.04 9.52 30.86
N ALA B 144 -38.85 8.49 31.66
CA ALA B 144 -37.87 7.46 31.32
C ALA B 144 -38.15 7.00 29.91
N PHE B 145 -39.42 6.70 29.65
CA PHE B 145 -39.80 6.22 28.34
C PHE B 145 -39.45 7.15 27.19
N ILE B 146 -39.63 8.45 27.37
CA ILE B 146 -39.29 9.40 26.30
C ILE B 146 -37.79 9.37 26.10
N MET B 147 -37.09 9.32 27.23
CA MET B 147 -35.64 9.30 27.22
C MET B 147 -35.08 8.09 26.46
N ILE B 148 -35.70 6.92 26.57
CA ILE B 148 -35.19 5.76 25.83
C ILE B 148 -35.50 5.92 24.35
N ILE B 149 -36.70 6.38 24.01
CA ILE B 149 -37.03 6.58 22.61
C ILE B 149 -36.04 7.58 22.02
N PHE B 150 -35.60 8.55 22.82
CA PHE B 150 -34.61 9.53 22.37
C PHE B 150 -33.30 8.75 22.15
N VAL B 151 -32.85 8.04 23.18
CA VAL B 151 -31.63 7.25 23.08
C VAL B 151 -31.64 6.46 21.77
N TRP B 152 -32.77 5.82 21.45
CA TRP B 152 -32.79 5.04 20.23
C TRP B 152 -32.63 5.87 18.96
N LEU B 153 -33.51 6.86 18.77
CA LEU B 153 -33.42 7.71 17.59
C LEU B 153 -32.01 8.25 17.39
N TRP B 154 -31.43 8.75 18.49
CA TRP B 154 -30.09 9.30 18.50
C TRP B 154 -29.07 8.22 18.11
N SER B 155 -28.97 7.18 18.93
CA SER B 155 -28.03 6.10 18.68
C SER B 155 -28.00 5.66 17.23
N VAL B 156 -29.16 5.46 16.63
CA VAL B 156 -29.21 5.03 15.23
C VAL B 156 -28.75 6.13 14.30
N LEU B 157 -29.35 7.30 14.43
CA LEU B 157 -28.97 8.42 13.58
C LEU B 157 -27.46 8.57 13.38
N TRP B 158 -26.68 8.63 14.46
CA TRP B 158 -25.24 8.81 14.29
C TRP B 158 -24.42 7.58 13.94
N ALA B 159 -25.10 6.51 13.54
CA ALA B 159 -24.43 5.27 13.14
C ALA B 159 -24.86 4.94 11.72
N ILE B 160 -26.03 5.45 11.35
CA ILE B 160 -26.57 5.19 10.01
C ILE B 160 -25.76 5.85 8.91
N GLY B 161 -24.94 6.83 9.29
CA GLY B 161 -24.11 7.55 8.35
C GLY B 161 -23.43 6.72 7.29
N PRO B 162 -22.42 5.93 7.65
CA PRO B 162 -21.74 5.13 6.61
C PRO B 162 -22.66 4.24 5.76
N ILE B 163 -23.73 3.72 6.35
CA ILE B 163 -24.65 2.87 5.58
C ILE B 163 -25.09 3.55 4.28
N PHE B 164 -25.13 4.88 4.27
CA PHE B 164 -25.55 5.62 3.08
C PHE B 164 -24.44 6.25 2.27
N GLY B 165 -23.21 6.15 2.76
CA GLY B 165 -22.12 6.72 2.01
C GLY B 165 -21.37 7.81 2.75
N TRP B 166 -22.02 8.44 3.72
CA TRP B 166 -21.38 9.48 4.52
C TRP B 166 -20.60 8.68 5.56
N GLY B 167 -19.35 8.42 5.26
CA GLY B 167 -18.56 7.61 6.17
C GLY B 167 -18.62 6.23 5.55
N ALA B 168 -18.16 5.22 6.26
CA ALA B 168 -18.18 3.89 5.68
C ALA B 168 -17.79 2.89 6.70
N TYR B 169 -18.41 1.72 6.66
CA TYR B 169 -18.06 0.68 7.58
C TYR B 169 -17.19 -0.27 6.78
N THR B 170 -16.02 -0.60 7.32
CA THR B 170 -15.10 -1.45 6.58
C THR B 170 -14.08 -2.20 7.46
N LEU B 171 -13.45 -3.21 6.88
CA LEU B 171 -12.47 -4.03 7.55
C LEU B 171 -11.39 -3.16 8.14
N GLU B 172 -10.80 -3.64 9.25
CA GLU B 172 -9.72 -2.96 9.97
C GLU B 172 -8.79 -3.93 10.72
N GLY B 173 -7.67 -3.39 11.20
CA GLY B 173 -6.70 -4.17 11.96
C GLY B 173 -6.21 -5.46 11.33
N VAL B 174 -6.39 -6.58 12.04
CA VAL B 174 -5.94 -7.86 11.52
C VAL B 174 -6.91 -8.45 10.51
N LEU B 175 -7.79 -7.59 10.01
CA LEU B 175 -8.77 -7.91 8.97
C LEU B 175 -9.82 -9.00 9.30
N CYS B 176 -10.16 -9.13 10.58
CA CYS B 176 -11.15 -10.11 11.01
C CYS B 176 -12.42 -9.55 11.62
N ASN B 177 -12.58 -8.25 11.51
CA ASN B 177 -13.79 -7.61 12.00
C ASN B 177 -13.93 -6.33 11.24
N CYS B 178 -15.07 -5.67 11.43
CA CYS B 178 -15.35 -4.44 10.75
C CYS B 178 -15.55 -3.31 11.73
N SER B 179 -15.45 -2.09 11.20
CA SER B 179 -15.61 -0.86 11.99
C SER B 179 -15.80 0.28 11.00
N PHE B 180 -15.88 1.52 11.51
CA PHE B 180 -16.02 2.66 10.62
C PHE B 180 -14.64 2.92 10.08
N ASP B 181 -14.58 3.63 8.96
CA ASP B 181 -13.32 3.94 8.31
C ASP B 181 -12.69 5.19 8.90
N TYR B 182 -11.57 5.02 9.60
CA TYR B 182 -10.90 6.16 10.20
C TYR B 182 -9.56 6.43 9.54
N ILE B 183 -9.44 6.02 8.28
CA ILE B 183 -8.21 6.24 7.52
C ILE B 183 -8.45 7.18 6.33
N SER B 184 -9.69 7.27 5.84
CA SER B 184 -9.99 8.16 4.72
C SER B 184 -10.13 9.61 5.15
N ARG B 185 -9.15 10.43 4.80
CA ARG B 185 -9.16 11.84 5.18
C ARG B 185 -9.97 12.81 4.32
N ASP B 186 -10.72 12.29 3.36
CA ASP B 186 -11.56 13.14 2.50
C ASP B 186 -12.62 13.87 3.37
N SER B 187 -13.28 14.90 2.83
CA SER B 187 -14.28 15.61 3.60
C SER B 187 -15.37 14.69 4.13
N THR B 188 -16.02 13.96 3.23
CA THR B 188 -17.11 13.05 3.57
C THR B 188 -16.76 12.11 4.72
N THR B 189 -15.70 11.33 4.59
CA THR B 189 -15.38 10.44 5.69
C THR B 189 -15.11 11.27 6.93
N ARG B 190 -14.26 12.29 6.81
CA ARG B 190 -13.93 13.11 7.97
C ARG B 190 -15.12 13.80 8.61
N SER B 191 -15.98 14.39 7.79
CA SER B 191 -17.15 15.06 8.35
C SER B 191 -17.98 14.09 9.19
N ASN B 192 -18.06 12.83 8.76
CA ASN B 192 -18.84 11.84 9.49
C ASN B 192 -18.13 11.38 10.75
N ILE B 193 -16.82 11.23 10.69
CA ILE B 193 -16.04 10.78 11.86
C ILE B 193 -16.23 11.78 13.01
N LEU B 194 -15.96 13.05 12.72
CA LEU B 194 -16.07 14.12 13.72
C LEU B 194 -17.42 14.11 14.41
N CYS B 195 -18.45 14.02 13.59
CA CYS B 195 -19.81 13.99 14.11
C CYS B 195 -20.00 12.80 15.05
N MET B 196 -19.44 11.64 14.68
CA MET B 196 -19.54 10.45 15.52
C MET B 196 -18.93 10.81 16.86
N PHE B 197 -17.73 11.38 16.83
CA PHE B 197 -17.05 11.78 18.07
C PHE B 197 -17.86 12.85 18.81
N ILE B 198 -18.14 13.96 18.13
CA ILE B 198 -18.90 15.05 18.74
C ILE B 198 -20.32 14.68 19.22
N LEU B 199 -21.17 14.19 18.34
CA LEU B 199 -22.53 13.86 18.77
C LEU B 199 -22.73 12.55 19.50
N GLY B 200 -22.04 11.50 19.04
CA GLY B 200 -22.20 10.20 19.66
C GLY B 200 -21.37 9.94 20.89
N PHE B 201 -20.29 10.71 21.06
CA PHE B 201 -19.39 10.52 22.18
C PHE B 201 -19.28 11.70 23.12
N PHE B 202 -18.89 12.86 22.59
CA PHE B 202 -18.74 14.06 23.44
C PHE B 202 -20.08 14.53 24.01
N GLY B 203 -21.10 14.52 23.17
CA GLY B 203 -22.42 14.93 23.61
C GLY B 203 -22.86 14.21 24.85
N PRO B 204 -22.92 12.87 24.83
CA PRO B 204 -23.35 12.17 26.05
C PRO B 204 -22.41 12.44 27.22
N ILE B 205 -21.12 12.61 26.94
CA ILE B 205 -20.15 12.89 27.99
C ILE B 205 -20.45 14.23 28.63
N LEU B 206 -20.69 15.24 27.81
CA LEU B 206 -20.99 16.56 28.32
C LEU B 206 -22.04 16.43 29.43
N ILE B 207 -23.19 15.87 29.07
CA ILE B 207 -24.30 15.64 30.00
C ILE B 207 -23.88 14.91 31.27
N ILE B 208 -23.02 13.90 31.11
CA ILE B 208 -22.55 13.13 32.22
C ILE B 208 -21.75 13.98 33.17
N PHE B 209 -20.86 14.81 32.61
CA PHE B 209 -20.02 15.71 33.41
C PHE B 209 -20.89 16.71 34.15
N PHE B 210 -21.85 17.29 33.43
CA PHE B 210 -22.73 18.26 34.04
C PHE B 210 -23.43 17.69 35.26
N CYS B 211 -24.08 16.55 35.08
CA CYS B 211 -24.79 15.91 36.18
C CYS B 211 -23.90 15.54 37.36
N TYR B 212 -22.84 14.79 37.11
CA TYR B 212 -21.94 14.40 38.18
C TYR B 212 -21.23 15.59 38.77
N PHE B 213 -21.17 16.69 38.04
CA PHE B 213 -20.54 17.86 38.61
C PHE B 213 -21.49 18.35 39.69
N ASN B 214 -22.73 18.62 39.28
CA ASN B 214 -23.77 19.08 40.19
C ASN B 214 -23.96 18.14 41.35
N ILE B 215 -23.91 16.84 41.07
CA ILE B 215 -24.07 15.89 42.15
C ILE B 215 -22.97 16.17 43.16
N VAL B 216 -21.71 15.92 42.77
CA VAL B 216 -20.57 16.15 43.64
C VAL B 216 -20.68 17.44 44.44
N MET B 217 -20.75 18.56 43.73
CA MET B 217 -20.81 19.88 44.36
C MET B 217 -22.12 20.21 45.09
N SER B 218 -22.74 19.20 45.69
CA SER B 218 -23.97 19.44 46.42
C SER B 218 -23.90 18.74 47.77
N VAL B 219 -23.06 17.71 47.85
CA VAL B 219 -22.94 16.91 49.06
C VAL B 219 -22.79 17.70 50.33
N SER B 220 -22.28 18.92 50.22
CA SER B 220 -22.10 19.77 51.40
C SER B 220 -23.47 20.11 51.98
N ASN B 221 -24.34 20.68 51.15
CA ASN B 221 -25.67 21.07 51.60
C ASN B 221 -26.56 19.90 51.95
N HIS B 222 -26.40 18.78 51.24
CA HIS B 222 -27.22 17.61 51.52
C HIS B 222 -27.18 17.27 53.00
N GLU B 223 -25.99 17.14 53.57
CA GLU B 223 -25.85 16.82 54.98
C GLU B 223 -26.32 17.96 55.88
N LYS B 224 -26.16 19.19 55.40
CA LYS B 224 -26.58 20.36 56.16
C LYS B 224 -28.10 20.37 56.31
N GLU B 225 -28.79 20.01 55.23
CA GLU B 225 -30.25 19.95 55.23
C GLU B 225 -30.71 18.74 56.04
N MET B 226 -29.82 17.75 56.15
CA MET B 226 -30.10 16.53 56.90
C MET B 226 -30.07 16.86 58.38
N ALA B 227 -29.07 17.65 58.78
CA ALA B 227 -28.92 18.07 60.15
C ALA B 227 -30.15 18.88 60.56
N ALA B 228 -30.59 19.77 59.66
CA ALA B 228 -31.76 20.60 59.91
C ALA B 228 -33.02 19.74 59.91
N MET B 229 -32.83 18.42 59.82
CA MET B 229 -33.93 17.47 59.84
C MET B 229 -33.74 16.57 61.05
N ALA B 230 -32.50 16.16 61.29
CA ALA B 230 -32.17 15.30 62.41
C ALA B 230 -32.67 15.91 63.71
N LYS B 231 -32.75 17.23 63.75
CA LYS B 231 -33.21 17.97 64.92
C LYS B 231 -34.71 17.90 65.12
N ARG B 232 -35.46 18.52 64.22
CA ARG B 232 -36.90 18.54 64.32
C ARG B 232 -37.59 17.50 63.43
N LEU B 233 -38.84 17.20 63.75
CA LEU B 233 -39.67 16.25 63.02
C LEU B 233 -39.00 14.96 62.49
N ASN B 234 -37.92 14.54 63.14
CA ASN B 234 -37.21 13.31 62.74
C ASN B 234 -37.04 12.34 63.90
N ALA B 235 -38.06 11.49 64.09
CA ALA B 235 -38.07 10.52 65.18
C ALA B 235 -37.14 9.36 64.89
N LYS B 236 -37.70 8.33 64.25
CA LYS B 236 -36.99 7.13 63.85
C LYS B 236 -36.95 7.23 62.33
N GLU B 237 -37.80 8.12 61.84
CA GLU B 237 -37.97 8.46 60.44
C GLU B 237 -36.66 9.02 59.89
N LEU B 238 -35.70 9.28 60.79
CA LEU B 238 -34.40 9.79 60.37
C LEU B 238 -33.64 8.62 59.79
N ARG B 239 -33.95 7.42 60.30
CA ARG B 239 -33.31 6.20 59.83
C ARG B 239 -33.72 5.93 58.39
N LYS B 240 -34.98 6.22 58.07
CA LYS B 240 -35.52 6.02 56.73
C LYS B 240 -35.01 7.10 55.77
N ALA B 241 -35.12 8.35 56.20
CA ALA B 241 -34.67 9.48 55.40
C ALA B 241 -33.20 9.28 55.09
N GLN B 242 -32.45 8.85 56.09
CA GLN B 242 -31.02 8.62 55.93
C GLN B 242 -30.75 7.34 55.17
N ALA B 243 -31.66 6.37 55.26
CA ALA B 243 -31.47 5.11 54.53
C ALA B 243 -31.71 5.32 53.05
N GLY B 244 -32.74 6.09 52.72
CA GLY B 244 -33.04 6.36 51.32
C GLY B 244 -32.04 7.33 50.73
N ALA B 245 -31.24 7.94 51.58
CA ALA B 245 -30.23 8.88 51.13
C ALA B 245 -28.95 8.11 50.87
N ASN B 246 -28.64 7.18 51.75
CA ASN B 246 -27.44 6.39 51.58
C ASN B 246 -27.65 5.40 50.46
N ALA B 247 -28.90 4.98 50.25
CA ALA B 247 -29.21 4.04 49.19
C ALA B 247 -28.99 4.68 47.81
N GLU B 248 -29.70 5.78 47.55
CA GLU B 248 -29.58 6.48 46.27
C GLU B 248 -28.13 6.82 45.94
N MET B 249 -27.41 7.35 46.90
CA MET B 249 -26.03 7.73 46.66
C MET B 249 -25.18 6.56 46.16
N ARG B 250 -25.59 5.34 46.51
CA ARG B 250 -24.86 4.13 46.10
C ARG B 250 -25.06 3.83 44.62
N LEU B 251 -26.31 3.92 44.15
CA LEU B 251 -26.60 3.68 42.75
C LEU B 251 -25.82 4.73 41.96
N ALA B 252 -25.76 5.95 42.51
CA ALA B 252 -25.05 7.05 41.88
C ALA B 252 -23.59 6.68 41.67
N LYS B 253 -22.93 6.21 42.73
CA LYS B 253 -21.53 5.81 42.64
C LYS B 253 -21.41 4.72 41.58
N ILE B 254 -22.33 3.75 41.66
CA ILE B 254 -22.36 2.64 40.73
C ILE B 254 -22.35 3.19 39.32
N SER B 255 -23.22 4.16 39.07
CA SER B 255 -23.30 4.79 37.76
C SER B 255 -21.92 5.25 37.34
N ILE B 256 -21.31 6.09 38.15
CA ILE B 256 -19.99 6.59 37.82
C ILE B 256 -19.02 5.47 37.48
N VAL B 257 -19.13 4.34 38.16
CA VAL B 257 -18.24 3.23 37.88
C VAL B 257 -18.42 2.69 36.46
N ILE B 258 -19.67 2.53 36.05
CA ILE B 258 -19.94 2.00 34.71
C ILE B 258 -19.71 3.05 33.60
N VAL B 259 -19.60 4.32 34.00
CA VAL B 259 -19.31 5.37 33.03
C VAL B 259 -17.79 5.35 32.86
N SER B 260 -17.08 5.12 33.96
CA SER B 260 -15.62 5.07 33.92
C SER B 260 -15.20 3.85 33.12
N GLN B 261 -15.96 2.77 33.27
CA GLN B 261 -15.73 1.52 32.58
C GLN B 261 -15.76 1.76 31.08
N PHE B 262 -16.86 2.35 30.62
CA PHE B 262 -17.04 2.63 29.22
C PHE B 262 -15.99 3.63 28.71
N LEU B 263 -15.77 4.71 29.46
CA LEU B 263 -14.77 5.71 29.05
C LEU B 263 -13.37 5.10 28.95
N LEU B 264 -13.02 4.27 29.92
CA LEU B 264 -11.71 3.64 29.93
C LEU B 264 -11.54 2.61 28.83
N SER B 265 -12.62 1.94 28.46
CA SER B 265 -12.53 0.92 27.42
C SER B 265 -12.50 1.49 25.99
N TRP B 266 -13.29 2.52 25.70
CA TRP B 266 -13.34 3.11 24.36
C TRP B 266 -12.25 4.11 23.99
N SER B 267 -11.87 4.94 24.96
CA SER B 267 -10.87 5.96 24.74
C SER B 267 -9.62 5.50 24.01
N PRO B 268 -8.91 4.49 24.54
CA PRO B 268 -7.71 4.06 23.81
C PRO B 268 -7.98 3.91 22.31
N TYR B 269 -9.08 3.25 21.99
CA TYR B 269 -9.47 3.05 20.60
C TYR B 269 -9.79 4.38 19.91
N ALA B 270 -10.68 5.17 20.51
CA ALA B 270 -11.07 6.46 19.95
C ALA B 270 -9.86 7.33 19.63
N VAL B 271 -8.83 7.15 20.44
CA VAL B 271 -7.59 7.89 20.29
C VAL B 271 -6.89 7.41 19.03
N VAL B 272 -6.66 6.10 18.94
CA VAL B 272 -6.02 5.53 17.76
C VAL B 272 -6.78 6.00 16.51
N ALA B 273 -8.10 6.05 16.59
CA ALA B 273 -8.93 6.49 15.47
C ALA B 273 -8.62 7.93 15.09
N LEU B 274 -8.38 8.76 16.08
CA LEU B 274 -8.04 10.15 15.84
C LEU B 274 -6.63 10.29 15.27
N LEU B 275 -5.70 9.51 15.79
CA LEU B 275 -4.33 9.53 15.31
C LEU B 275 -4.28 9.11 13.88
N ALA B 276 -5.14 8.17 13.53
CA ALA B 276 -5.14 7.69 12.17
C ALA B 276 -5.76 8.71 11.26
N GLN B 277 -6.75 9.43 11.77
CA GLN B 277 -7.40 10.42 10.94
C GLN B 277 -6.58 11.69 10.82
N PHE B 278 -5.88 12.02 11.91
CA PHE B 278 -5.10 13.25 11.94
C PHE B 278 -3.62 13.14 12.23
N GLY B 279 -3.20 12.11 12.97
CA GLY B 279 -1.80 11.94 13.30
C GLY B 279 -0.95 11.12 12.35
N PRO B 280 0.19 10.56 12.82
CA PRO B 280 1.17 9.73 12.08
C PRO B 280 0.59 8.37 11.73
N LEU B 281 0.01 8.22 10.54
CA LEU B 281 -0.60 6.94 10.15
C LEU B 281 0.28 5.72 10.39
N GLU B 282 1.59 5.87 10.20
CA GLU B 282 2.54 4.78 10.41
C GLU B 282 2.55 4.33 11.87
N TRP B 283 1.79 5.03 12.71
CA TRP B 283 1.69 4.67 14.12
C TRP B 283 0.54 3.69 14.27
N VAL B 284 -0.37 3.69 13.30
CA VAL B 284 -1.51 2.79 13.38
C VAL B 284 -1.15 1.44 12.75
N THR B 285 -0.51 0.59 13.54
CA THR B 285 -0.13 -0.72 13.05
C THR B 285 -1.31 -1.64 13.39
N PRO B 286 -1.31 -2.86 12.83
CA PRO B 286 -2.38 -3.81 13.09
C PRO B 286 -2.71 -3.97 14.58
N TYR B 287 -1.68 -4.12 15.42
CA TYR B 287 -1.91 -4.28 16.86
C TYR B 287 -2.25 -2.95 17.52
N ALA B 288 -1.71 -1.87 16.96
CA ALA B 288 -1.96 -0.53 17.47
C ALA B 288 -3.46 -0.29 17.49
N ALA B 289 -4.13 -0.91 16.52
CA ALA B 289 -5.58 -0.80 16.37
C ALA B 289 -6.33 -1.99 16.95
N GLN B 290 -5.87 -3.20 16.63
CA GLN B 290 -6.49 -4.42 17.10
C GLN B 290 -6.65 -4.53 18.60
N LEU B 291 -5.55 -4.49 19.34
CA LEU B 291 -5.66 -4.61 20.79
C LEU B 291 -6.63 -3.63 21.45
N PRO B 292 -6.55 -2.32 21.09
CA PRO B 292 -7.44 -1.29 21.65
C PRO B 292 -8.91 -1.55 21.32
N VAL B 293 -9.15 -2.21 20.18
CA VAL B 293 -10.50 -2.49 19.74
C VAL B 293 -11.06 -3.73 20.44
N MET B 294 -10.19 -4.59 20.96
CA MET B 294 -10.66 -5.78 21.67
C MET B 294 -11.05 -5.33 23.06
N PHE B 295 -10.49 -4.20 23.47
CA PHE B 295 -10.72 -3.62 24.78
C PHE B 295 -12.04 -2.83 24.72
N ALA B 296 -12.29 -2.17 23.59
CA ALA B 296 -13.53 -1.42 23.41
C ALA B 296 -14.68 -2.38 23.21
N LYS B 297 -14.40 -3.56 22.65
CA LYS B 297 -15.46 -4.55 22.44
C LYS B 297 -15.81 -5.10 23.81
N ALA B 298 -14.79 -5.57 24.51
CA ALA B 298 -14.98 -6.11 25.82
C ALA B 298 -15.28 -4.95 26.76
N SER B 299 -16.34 -4.21 26.46
CA SER B 299 -16.73 -3.10 27.30
C SER B 299 -18.18 -3.40 27.61
N ALA B 300 -18.83 -4.02 26.64
CA ALA B 300 -20.23 -4.38 26.72
C ALA B 300 -20.51 -5.56 27.64
N ILE B 301 -19.47 -6.07 28.32
CA ILE B 301 -19.64 -7.21 29.19
C ILE B 301 -19.39 -6.93 30.65
N HIS B 302 -18.94 -5.72 30.97
CA HIS B 302 -18.62 -5.38 32.35
C HIS B 302 -19.79 -5.01 33.23
N ASN B 303 -20.60 -4.05 32.79
CA ASN B 303 -21.74 -3.60 33.57
C ASN B 303 -22.40 -4.71 34.39
N PRO B 304 -22.74 -5.82 33.75
CA PRO B 304 -23.38 -6.96 34.43
C PRO B 304 -22.62 -7.41 35.69
N MET B 305 -21.30 -7.50 35.59
CA MET B 305 -20.45 -7.89 36.72
C MET B 305 -20.44 -6.77 37.77
N ILE B 306 -20.30 -5.53 37.31
CA ILE B 306 -20.28 -4.37 38.19
C ILE B 306 -21.53 -4.33 39.07
N TYR B 307 -22.67 -4.77 38.53
CA TYR B 307 -23.89 -4.77 39.31
C TYR B 307 -23.89 -5.91 40.31
N SER B 308 -23.35 -7.06 39.88
CA SER B 308 -23.32 -8.26 40.73
C SER B 308 -22.41 -8.14 41.93
N VAL B 309 -21.56 -7.11 41.95
CA VAL B 309 -20.66 -6.93 43.06
C VAL B 309 -20.92 -5.64 43.81
N SER B 310 -22.02 -4.95 43.52
CA SER B 310 -22.30 -3.70 44.24
C SER B 310 -23.77 -3.31 44.29
N HIS B 311 -24.60 -3.93 43.47
CA HIS B 311 -26.03 -3.64 43.48
C HIS B 311 -26.66 -4.63 44.46
N PRO B 312 -27.08 -4.14 45.65
CA PRO B 312 -27.68 -5.12 46.56
C PRO B 312 -28.98 -5.76 46.10
N LYS B 313 -30.03 -4.98 45.89
CA LYS B 313 -31.30 -5.58 45.48
C LYS B 313 -31.17 -6.46 44.24
N PHE B 314 -30.13 -6.20 43.44
CA PHE B 314 -29.89 -7.02 42.26
C PHE B 314 -29.23 -8.31 42.75
N ARG B 315 -28.15 -8.16 43.51
CA ARG B 315 -27.41 -9.30 44.05
C ARG B 315 -28.35 -10.23 44.79
N GLU B 316 -29.36 -9.66 45.43
CA GLU B 316 -30.34 -10.44 46.18
C GLU B 316 -31.18 -11.30 45.24
N ALA B 317 -31.54 -10.71 44.10
CA ALA B 317 -32.33 -11.39 43.09
C ALA B 317 -31.58 -12.56 42.49
N ILE B 318 -30.28 -12.38 42.26
CA ILE B 318 -29.48 -13.44 41.69
C ILE B 318 -29.41 -14.61 42.67
N SER B 319 -29.03 -14.32 43.91
CA SER B 319 -28.93 -15.35 44.94
C SER B 319 -30.23 -16.17 45.02
N GLN B 320 -31.35 -15.53 44.72
CA GLN B 320 -32.67 -16.16 44.74
C GLN B 320 -33.04 -16.84 43.40
N THR B 321 -32.13 -16.85 42.45
CA THR B 321 -32.46 -17.44 41.15
C THR B 321 -31.34 -18.21 40.47
N PHE B 322 -30.15 -17.59 40.40
CA PHE B 322 -28.97 -18.22 39.82
C PHE B 322 -27.85 -17.97 40.81
N PRO B 323 -28.10 -18.23 42.11
CA PRO B 323 -27.13 -18.03 43.20
C PRO B 323 -25.69 -18.45 42.96
N TRP B 324 -25.47 -19.59 42.30
CA TRP B 324 -24.11 -20.07 42.05
C TRP B 324 -23.22 -19.02 41.44
N VAL B 325 -23.82 -18.06 40.73
CA VAL B 325 -23.11 -16.97 40.07
C VAL B 325 -22.39 -16.07 41.07
N LEU B 326 -22.88 -16.07 42.31
CA LEU B 326 -22.31 -15.25 43.37
C LEU B 326 -21.52 -16.07 44.39
N THR B 327 -20.95 -17.18 43.96
CA THR B 327 -20.18 -18.03 44.87
C THR B 327 -18.95 -17.28 45.39
N CYS B 328 -18.36 -16.47 44.52
CA CYS B 328 -17.16 -15.69 44.85
C CYS B 328 -17.46 -14.64 45.91
N CYS B 329 -18.74 -14.41 46.16
CA CYS B 329 -19.17 -13.44 47.16
C CYS B 329 -20.61 -13.67 47.61
N GLN B 330 -20.85 -14.75 48.34
CA GLN B 330 -22.18 -15.07 48.83
C GLN B 330 -22.88 -13.78 49.24
N PHE B 331 -24.19 -13.70 48.97
CA PHE B 331 -24.97 -12.52 49.32
C PHE B 331 -25.31 -12.55 50.80
N ASP B 332 -25.47 -11.37 51.39
CA ASP B 332 -25.83 -11.22 52.80
C ASP B 332 -27.10 -10.38 52.93
N ASP B 333 -27.97 -10.75 53.86
CA ASP B 333 -29.22 -10.04 54.05
C ASP B 333 -28.99 -8.64 54.61
N LYS B 334 -27.75 -8.39 55.02
CA LYS B 334 -27.38 -7.09 55.57
C LYS B 334 -27.18 -6.07 54.45
N GLU B 335 -26.94 -6.55 53.23
CA GLU B 335 -26.72 -5.66 52.09
C GLU B 335 -27.99 -4.89 51.71
N THR B 336 -29.14 -5.52 51.93
CA THR B 336 -30.42 -4.92 51.56
C THR B 336 -31.15 -4.17 52.66
N GLU B 337 -30.58 -4.16 53.86
CA GLU B 337 -31.18 -3.48 55.01
C GLU B 337 -31.49 -1.99 54.77
N ASP B 338 -30.63 -1.31 54.02
CA ASP B 338 -30.82 0.11 53.74
C ASP B 338 -32.00 0.41 52.83
N ASP B 339 -32.20 -0.43 51.81
CA ASP B 339 -33.32 -0.26 50.88
C ASP B 339 -34.63 -0.65 51.56
N LYS B 340 -34.56 -1.59 52.49
CA LYS B 340 -35.73 -2.04 53.23
C LYS B 340 -36.24 -0.89 54.08
N ASP B 341 -35.37 -0.39 54.96
CA ASP B 341 -35.70 0.70 55.84
C ASP B 341 -36.03 1.98 55.07
N ALA B 342 -35.43 2.12 53.89
CA ALA B 342 -35.67 3.30 53.07
C ALA B 342 -37.08 3.25 52.50
N GLU B 343 -37.50 2.06 52.09
CA GLU B 343 -38.81 1.90 51.49
C GLU B 343 -39.90 1.48 52.49
N THR B 344 -39.51 0.78 53.56
CA THR B 344 -40.48 0.36 54.57
C THR B 344 -41.15 1.57 55.23
N GLU B 345 -42.28 1.98 54.66
CA GLU B 345 -43.03 3.12 55.16
C GLU B 345 -43.56 2.87 56.58
N ILE B 346 -43.06 3.63 57.53
CA ILE B 346 -43.51 3.50 58.91
C ILE B 346 -45.02 3.69 58.96
N PRO B 347 -45.75 2.74 59.59
CA PRO B 347 -47.22 2.78 59.72
C PRO B 347 -47.78 3.87 60.61
#